data_4E3N
#
_entry.id   4E3N
#
_cell.length_a   118.160
_cell.length_b   76.730
_cell.length_c   97.900
_cell.angle_alpha   90.000
_cell.angle_beta   116.580
_cell.angle_gamma   90.000
#
_symmetry.space_group_name_H-M   'C 1 2 1'
#
loop_
_entity.id
_entity.type
_entity.pdbx_description
1 polymer Beta-lactamase
2 non-polymer '[({[4-(1H-tetrazol-5-yl)-2-(trifluoromethyl)phenyl]sulfonyl}amino)methyl]boronic acid'
3 non-polymer 'PHOSPHATE ION'
4 water water
#
_entity_poly.entity_id   1
_entity_poly.type   'polypeptide(L)'
_entity_poly.pdbx_seq_one_letter_code
;APQQINDIVHRTITPLIEQQKIPGMAVAVIYQGKPYYFTWGYADIAKKQPVTQQTLFELGSVSKTFTGVLGGDAIARGEI
KLSDPTTKYWPELTAKQWNGITLLHLATYTAGGLPLQVPDEVKSSSDLLRFYQNWQPAWAPGTQRLYANSSIGLFGALAV
KPSGLSFEQAMQTRVFQPLKLNHTWINVPPAEEKNYAWGYREGKAVHVSPGALDAEAYGVKSTIEDMARWVQSNLKPLDI
NEKTLQQGIQLAQSRYWQTGDMYQGLGWEMLDWPVNPDSIINGSDNKIALAARPVKAITPPTPAVRASWVHKTGATGGFG
SYVAFIPEKELGIVMLANKNYPNPARVDAAWQILNALQ
;
_entity_poly.pdbx_strand_id   A,B
#
loop_
_chem_comp.id
_chem_comp.type
_chem_comp.name
_chem_comp.formula
0NE non-polymer '[({[4-(1H-tetrazol-5-yl)-2-(trifluoromethyl)phenyl]sulfonyl}amino)methyl]boronic acid' 'C9 H9 B F3 N5 O4 S'
PO4 non-polymer 'PHOSPHATE ION' 'O4 P -3'
#
# COMPACT_ATOMS: atom_id res chain seq x y z
N ALA A 1 38.43 2.03 3.42
CA ALA A 1 37.21 1.22 3.35
C ALA A 1 37.50 -0.11 4.02
N PRO A 2 36.46 -0.78 4.58
CA PRO A 2 36.73 -2.06 5.24
C PRO A 2 37.37 -3.03 4.28
N GLN A 3 38.42 -3.71 4.74
CA GLN A 3 39.14 -4.59 3.84
C GLN A 3 38.24 -5.66 3.22
N GLN A 4 37.26 -6.15 3.97
CA GLN A 4 36.36 -7.15 3.41
C GLN A 4 35.67 -6.65 2.11
N ILE A 5 35.23 -5.40 2.13
CA ILE A 5 34.53 -4.85 0.98
C ILE A 5 35.52 -4.65 -0.18
N ASN A 6 36.67 -4.05 0.14
CA ASN A 6 37.71 -3.88 -0.85
C ASN A 6 37.97 -5.21 -1.55
N ASP A 7 38.21 -6.23 -0.75
CA ASP A 7 38.64 -7.50 -1.29
C ASP A 7 37.57 -8.18 -2.11
N ILE A 8 36.34 -8.25 -1.61
CA ILE A 8 35.35 -8.94 -2.41
C ILE A 8 35.00 -8.20 -3.68
N VAL A 9 34.96 -6.87 -3.60
CA VAL A 9 34.67 -6.10 -4.80
C VAL A 9 35.78 -6.27 -5.83
N HIS A 10 37.02 -6.06 -5.42
CA HIS A 10 38.08 -6.15 -6.41
C HIS A 10 38.26 -7.56 -6.96
N ARG A 11 38.13 -8.59 -6.13
CA ARG A 11 38.34 -9.96 -6.59
CA ARG A 11 38.34 -9.96 -6.59
C ARG A 11 37.26 -10.43 -7.55
N THR A 12 36.09 -9.79 -7.48
CA THR A 12 35.00 -10.16 -8.37
C THR A 12 35.05 -9.32 -9.64
N ILE A 13 35.22 -8.01 -9.47
CA ILE A 13 35.11 -7.10 -10.61
C ILE A 13 36.32 -7.11 -11.55
N THR A 14 37.52 -7.24 -11.00
CA THR A 14 38.69 -7.21 -11.87
C THR A 14 38.60 -8.29 -12.92
N PRO A 15 38.31 -9.54 -12.50
CA PRO A 15 38.17 -10.58 -13.52
C PRO A 15 36.99 -10.38 -14.47
N LEU A 16 35.91 -9.78 -13.97
CA LEU A 16 34.77 -9.49 -14.80
C LEU A 16 35.15 -8.55 -15.92
N ILE A 17 35.89 -7.50 -15.56
CA ILE A 17 36.32 -6.49 -16.53
C ILE A 17 37.20 -7.10 -17.61
N GLU A 18 38.10 -8.00 -17.19
CA GLU A 18 39.00 -8.65 -18.12
C GLU A 18 38.22 -9.60 -19.06
N GLN A 19 37.33 -10.41 -18.49
CA GLN A 19 36.61 -11.39 -19.27
C GLN A 19 35.68 -10.73 -20.29
N GLN A 20 35.03 -9.65 -19.86
CA GLN A 20 34.03 -9.00 -20.69
C GLN A 20 34.59 -7.85 -21.53
N LYS A 21 35.90 -7.56 -21.40
CA LYS A 21 36.51 -6.43 -22.13
C LYS A 21 35.75 -5.12 -21.94
N ILE A 22 35.43 -4.84 -20.69
CA ILE A 22 34.72 -3.61 -20.34
C ILE A 22 35.68 -2.43 -20.26
N PRO A 23 35.44 -1.36 -21.07
CA PRO A 23 36.40 -0.24 -21.06
C PRO A 23 36.45 0.53 -19.76
N GLY A 24 35.31 0.74 -19.12
CA GLY A 24 35.24 1.50 -17.90
C GLY A 24 34.08 1.04 -17.02
N MET A 25 34.29 1.11 -15.72
CA MET A 25 33.28 0.61 -14.79
C MET A 25 33.29 1.40 -13.49
N ALA A 26 32.11 1.63 -12.92
CA ALA A 26 32.03 2.16 -11.57
C ALA A 26 31.13 1.23 -10.77
N VAL A 27 31.52 1.00 -9.52
CA VAL A 27 30.71 0.17 -8.62
C VAL A 27 30.53 0.90 -7.30
N ALA A 28 29.32 0.83 -6.75
CA ALA A 28 29.05 1.29 -5.38
C ALA A 28 28.52 0.12 -4.60
N VAL A 29 29.05 -0.08 -3.40
CA VAL A 29 28.44 -1.01 -2.50
C VAL A 29 27.85 -0.21 -1.35
N ILE A 30 26.59 -0.49 -1.00
CA ILE A 30 25.99 0.07 0.19
C ILE A 30 26.06 -1.02 1.25
N TYR A 31 26.77 -0.73 2.33
CA TYR A 31 26.94 -1.69 3.40
C TYR A 31 26.57 -1.00 4.70
N GLN A 32 25.64 -1.62 5.43
CA GLN A 32 25.05 -0.99 6.61
C GLN A 32 24.64 0.44 6.30
N GLY A 33 24.07 0.66 5.12
CA GLY A 33 23.56 1.98 4.78
C GLY A 33 24.55 2.98 4.20
N LYS A 34 25.85 2.70 4.29
CA LYS A 34 26.89 3.64 3.84
C LYS A 34 27.46 3.22 2.49
N PRO A 35 27.77 4.19 1.61
CA PRO A 35 28.33 3.84 0.30
C PRO A 35 29.85 3.77 0.27
N TYR A 36 30.32 2.82 -0.52
CA TYR A 36 31.74 2.65 -0.80
C TYR A 36 31.90 2.55 -2.30
N TYR A 37 32.83 3.31 -2.87
CA TYR A 37 32.94 3.43 -4.32
C TYR A 37 34.25 2.86 -4.87
N PHE A 38 34.13 2.38 -6.10
CA PHE A 38 35.23 1.76 -6.84
C PHE A 38 35.12 2.15 -8.30
N THR A 39 36.26 2.46 -8.93
CA THR A 39 36.23 2.75 -10.37
C THR A 39 37.38 2.08 -11.09
N TRP A 40 37.18 1.83 -12.38
CA TRP A 40 38.20 1.26 -13.24
C TRP A 40 38.13 1.85 -14.64
N GLY A 41 39.28 1.93 -15.32
CA GLY A 41 39.29 2.15 -16.75
C GLY A 41 38.82 3.51 -17.23
N TYR A 42 38.21 3.51 -18.41
CA TYR A 42 38.04 4.72 -19.18
C TYR A 42 36.62 5.05 -19.50
N ALA A 43 36.26 6.30 -19.23
CA ALA A 43 35.00 6.89 -19.70
C ALA A 43 35.09 7.21 -21.19
N ASP A 44 36.29 7.59 -21.65
CA ASP A 44 36.50 7.95 -23.04
C ASP A 44 37.89 7.46 -23.41
N ILE A 45 37.94 6.40 -24.19
CA ILE A 45 39.22 5.79 -24.55
C ILE A 45 40.10 6.74 -25.36
N ALA A 46 39.52 7.33 -26.41
CA ALA A 46 40.29 8.20 -27.30
C ALA A 46 40.91 9.40 -26.58
N LYS A 47 40.13 10.00 -25.66
CA LYS A 47 40.60 11.17 -24.94
C LYS A 47 41.27 10.85 -23.60
N LYS A 48 41.40 9.55 -23.31
CA LYS A 48 42.10 9.04 -22.12
C LYS A 48 41.49 9.54 -20.82
N GLN A 49 40.15 9.67 -20.78
CA GLN A 49 39.49 10.18 -19.59
C GLN A 49 39.07 8.99 -18.74
N PRO A 50 39.51 8.96 -17.48
CA PRO A 50 39.20 7.87 -16.56
C PRO A 50 37.76 7.94 -16.07
N VAL A 51 37.24 6.78 -15.69
CA VAL A 51 36.00 6.75 -14.92
C VAL A 51 36.30 7.31 -13.54
N THR A 52 35.44 8.21 -13.08
CA THR A 52 35.50 8.76 -11.73
C THR A 52 34.14 8.63 -11.06
N GLN A 53 34.05 9.08 -9.81
CA GLN A 53 32.75 9.06 -9.11
C GLN A 53 31.74 10.05 -9.70
N GLN A 54 32.21 10.94 -10.59
CA GLN A 54 31.37 11.94 -11.27
C GLN A 54 31.05 11.58 -12.73
N THR A 55 31.55 10.44 -13.22
CA THR A 55 31.25 10.04 -14.59
C THR A 55 29.77 9.68 -14.74
N LEU A 56 29.14 10.22 -15.78
CA LEU A 56 27.77 9.84 -16.11
C LEU A 56 27.75 8.62 -17.02
N PHE A 57 26.90 7.64 -16.66
CA PHE A 57 26.65 6.48 -17.49
C PHE A 57 25.19 6.46 -17.92
N GLU A 58 24.92 5.89 -19.09
CA GLU A 58 23.54 5.60 -19.46
C GLU A 58 23.03 4.42 -18.64
N LEU A 59 21.90 4.63 -17.96
CA LEU A 59 21.32 3.57 -17.13
C LEU A 59 20.48 2.59 -17.93
N GLY A 60 20.12 2.94 -19.16
CA GLY A 60 19.20 2.10 -19.91
C GLY A 60 17.97 1.83 -19.05
N SER A 61 17.50 0.59 -19.09
CA SER A 61 16.25 0.24 -18.40
C SER A 61 16.25 0.30 -16.89
N VAL A 62 17.39 0.53 -16.23
CA VAL A 62 17.32 0.90 -14.83
C VAL A 62 16.49 2.20 -14.65
N SER A 63 16.37 2.99 -15.72
CA SER A 63 15.46 4.15 -15.76
C SER A 63 14.04 3.76 -15.37
N LYS A 64 13.64 2.53 -15.67
CA LYS A 64 12.26 2.09 -15.38
C LYS A 64 11.98 2.12 -13.88
N THR A 65 13.02 2.01 -13.04
CA THR A 65 12.79 2.15 -11.59
C THR A 65 12.45 3.60 -11.21
N PHE A 66 13.05 4.58 -11.87
CA PHE A 66 12.69 5.98 -11.67
C PHE A 66 11.26 6.21 -12.17
N THR A 67 10.93 5.67 -13.34
CA THR A 67 9.56 5.79 -13.84
C THR A 67 8.54 5.18 -12.87
N GLY A 68 8.84 3.99 -12.34
CA GLY A 68 7.91 3.36 -11.45
C GLY A 68 7.71 4.15 -10.19
N VAL A 69 8.78 4.69 -9.62
CA VAL A 69 8.67 5.51 -8.41
C VAL A 69 7.97 6.84 -8.68
N LEU A 70 8.22 7.46 -9.83
CA LEU A 70 7.49 8.69 -10.17
C LEU A 70 6.02 8.38 -10.28
N GLY A 71 5.66 7.26 -10.89
CA GLY A 71 4.27 6.86 -10.97
C GLY A 71 3.71 6.58 -9.59
N GLY A 72 4.49 5.91 -8.73
CA GLY A 72 4.05 5.71 -7.35
C GLY A 72 3.81 7.01 -6.61
N ASP A 73 4.66 8.01 -6.83
CA ASP A 73 4.47 9.33 -6.22
C ASP A 73 3.16 9.97 -6.71
N ALA A 74 2.85 9.80 -8.00
CA ALA A 74 1.61 10.35 -8.56
C ALA A 74 0.38 9.68 -7.94
N ILE A 75 0.49 8.38 -7.69
CA ILE A 75 -0.59 7.68 -7.01
C ILE A 75 -0.74 8.23 -5.58
N ALA A 76 0.39 8.38 -4.90
CA ALA A 76 0.35 8.90 -3.53
C ALA A 76 -0.19 10.32 -3.46
N ARG A 77 0.08 11.11 -4.51
CA ARG A 77 -0.50 12.47 -4.64
C ARG A 77 -2.01 12.49 -4.91
N GLY A 78 -2.58 11.34 -5.26
CA GLY A 78 -3.97 11.22 -5.66
C GLY A 78 -4.27 11.68 -7.09
N GLU A 79 -3.22 11.80 -7.88
CA GLU A 79 -3.35 12.25 -9.28
C GLU A 79 -3.82 11.16 -10.23
N ILE A 80 -3.38 9.94 -9.96
CA ILE A 80 -3.78 8.76 -10.73
C ILE A 80 -4.07 7.59 -9.78
N LYS A 81 -4.77 6.59 -10.30
CA LYS A 81 -4.88 5.31 -9.63
C LYS A 81 -4.46 4.20 -10.60
N LEU A 82 -3.78 3.16 -10.12
CA LEU A 82 -3.41 2.06 -11.02
C LEU A 82 -4.60 1.30 -11.56
N SER A 83 -5.72 1.39 -10.84
CA SER A 83 -6.94 0.77 -11.32
C SER A 83 -7.66 1.57 -12.41
N ASP A 84 -7.20 2.79 -12.68
CA ASP A 84 -7.83 3.64 -13.73
C ASP A 84 -7.63 3.02 -15.12
N PRO A 85 -8.65 3.08 -15.96
CA PRO A 85 -8.50 2.69 -17.38
C PRO A 85 -7.47 3.60 -18.04
N THR A 86 -6.67 3.04 -18.95
CA THR A 86 -5.72 3.84 -19.72
C THR A 86 -6.45 5.02 -20.39
N THR A 87 -7.64 4.77 -20.92
CA THR A 87 -8.39 5.80 -21.62
C THR A 87 -8.79 7.02 -20.80
N LYS A 88 -8.78 6.90 -19.48
CA LYS A 88 -9.09 8.04 -18.66
C LYS A 88 -8.07 9.17 -18.88
N TYR A 89 -6.82 8.79 -19.15
CA TYR A 89 -5.76 9.77 -19.31
C TYR A 89 -5.40 10.00 -20.76
N TRP A 90 -5.96 9.17 -21.66
CA TRP A 90 -5.72 9.33 -23.09
C TRP A 90 -7.05 9.09 -23.80
N PRO A 91 -7.92 10.08 -23.77
CA PRO A 91 -9.26 9.95 -24.33
C PRO A 91 -9.32 9.58 -25.81
N GLU A 92 -8.27 9.93 -26.56
CA GLU A 92 -8.21 9.64 -27.99
C GLU A 92 -7.98 8.15 -28.25
N LEU A 93 -7.62 7.41 -27.21
CA LEU A 93 -7.44 5.98 -27.32
C LEU A 93 -8.80 5.24 -27.28
N THR A 94 -9.54 5.32 -28.37
CA THR A 94 -10.93 4.86 -28.39
C THR A 94 -11.11 3.41 -28.86
N ALA A 95 -10.03 2.78 -29.34
CA ALA A 95 -10.17 1.44 -29.89
C ALA A 95 -10.59 0.46 -28.81
N LYS A 96 -11.45 -0.49 -29.18
CA LYS A 96 -12.13 -1.35 -28.22
C LYS A 96 -11.23 -2.28 -27.42
N GLN A 97 -10.07 -2.62 -27.99
CA GLN A 97 -9.13 -3.51 -27.29
C GLN A 97 -8.58 -2.89 -26.03
N TRP A 98 -8.73 -1.58 -25.88
CA TRP A 98 -8.26 -0.88 -24.68
C TRP A 98 -9.24 -0.98 -23.50
N ASN A 99 -10.47 -1.41 -23.78
CA ASN A 99 -11.44 -1.66 -22.72
C ASN A 99 -10.87 -2.70 -21.79
N GLY A 100 -10.66 -2.32 -20.53
CA GLY A 100 -10.14 -3.26 -19.58
C GLY A 100 -8.64 -3.20 -19.36
N ILE A 101 -7.91 -2.42 -20.17
CA ILE A 101 -6.46 -2.25 -19.95
C ILE A 101 -6.23 -1.03 -19.06
N THR A 102 -5.70 -1.29 -17.86
CA THR A 102 -5.53 -0.24 -16.86
C THR A 102 -4.10 0.27 -16.76
N LEU A 103 -3.89 1.34 -16.00
CA LEU A 103 -2.52 1.79 -15.77
C LEU A 103 -1.66 0.69 -15.13
N LEU A 104 -2.25 -0.14 -14.29
CA LEU A 104 -1.51 -1.24 -13.68
C LEU A 104 -0.93 -2.13 -14.77
N HIS A 105 -1.76 -2.49 -15.73
CA HIS A 105 -1.28 -3.36 -16.80
C HIS A 105 -0.13 -2.70 -17.54
N LEU A 106 -0.25 -1.41 -17.86
CA LEU A 106 0.87 -0.75 -18.56
C LEU A 106 2.13 -0.76 -17.74
N ALA A 107 2.00 -0.41 -16.47
CA ALA A 107 3.17 -0.31 -15.61
C ALA A 107 3.93 -1.61 -15.44
N THR A 108 3.21 -2.73 -15.54
CA THR A 108 3.74 -4.04 -15.18
C THR A 108 3.86 -5.02 -16.36
N TYR A 109 3.72 -4.51 -17.59
CA TYR A 109 3.95 -5.32 -18.81
C TYR A 109 2.88 -6.39 -19.03
N THR A 110 1.69 -6.17 -18.46
CA THR A 110 0.66 -7.20 -18.49
C THR A 110 -0.56 -6.79 -19.31
N ALA A 111 -0.40 -5.81 -20.19
CA ALA A 111 -1.52 -5.33 -21.01
C ALA A 111 -2.01 -6.33 -22.04
N GLY A 112 -1.19 -7.33 -22.36
CA GLY A 112 -1.56 -8.34 -23.36
C GLY A 112 -0.72 -8.41 -24.61
N GLY A 113 0.56 -8.06 -24.49
CA GLY A 113 1.52 -8.22 -25.55
C GLY A 113 1.96 -6.93 -26.24
N LEU A 114 1.99 -5.80 -25.54
CA LEU A 114 2.63 -4.60 -26.10
C LEU A 114 4.10 -4.96 -26.34
N PRO A 115 4.66 -4.46 -27.44
CA PRO A 115 5.97 -4.93 -27.89
C PRO A 115 7.14 -4.30 -27.12
N LEU A 116 8.29 -4.99 -27.14
CA LEU A 116 9.47 -4.50 -26.43
C LEU A 116 9.78 -3.07 -26.82
N GLN A 117 9.83 -2.79 -28.11
CA GLN A 117 10.16 -1.46 -28.58
CA GLN A 117 10.13 -1.43 -28.55
C GLN A 117 9.00 -0.78 -29.31
N VAL A 118 8.90 0.54 -29.14
CA VAL A 118 8.07 1.32 -30.00
C VAL A 118 8.80 1.32 -31.36
N PRO A 119 8.06 1.10 -32.46
CA PRO A 119 8.73 1.05 -33.75
C PRO A 119 9.54 2.33 -34.03
N ASP A 120 10.71 2.20 -34.67
CA ASP A 120 11.55 3.36 -34.95
C ASP A 120 10.84 4.30 -35.89
N GLU A 121 9.90 3.75 -36.65
CA GLU A 121 9.08 4.52 -37.58
C GLU A 121 8.16 5.51 -36.88
N VAL A 122 7.92 5.33 -35.58
CA VAL A 122 7.05 6.22 -34.84
C VAL A 122 7.81 7.48 -34.45
N LYS A 123 7.58 8.56 -35.19
CA LYS A 123 8.37 9.77 -35.03
C LYS A 123 7.55 10.90 -34.40
N SER A 124 6.27 10.97 -34.73
CA SER A 124 5.44 12.06 -34.27
C SER A 124 4.46 11.61 -33.20
N SER A 125 3.84 12.57 -32.53
CA SER A 125 2.79 12.25 -31.56
C SER A 125 1.59 11.57 -32.24
N SER A 126 1.28 11.99 -33.46
CA SER A 126 0.19 11.35 -34.19
C SER A 126 0.54 9.91 -34.56
N ASP A 127 1.83 9.65 -34.85
CA ASP A 127 2.31 8.30 -35.14
C ASP A 127 2.11 7.41 -33.91
N LEU A 128 2.35 7.99 -32.73
CA LEU A 128 2.27 7.23 -31.49
C LEU A 128 0.81 6.84 -31.20
N LEU A 129 -0.10 7.80 -31.37
CA LEU A 129 -1.51 7.50 -31.23
C LEU A 129 -1.92 6.39 -32.18
N ARG A 130 -1.50 6.48 -33.45
CA ARG A 130 -1.87 5.43 -34.39
C ARG A 130 -1.34 4.07 -33.93
N PHE A 131 -0.11 4.06 -33.45
CA PHE A 131 0.51 2.80 -33.03
C PHE A 131 -0.32 2.13 -31.94
N TYR A 132 -0.69 2.87 -30.90
CA TYR A 132 -1.46 2.27 -29.82
C TYR A 132 -2.90 1.94 -30.22
N GLN A 133 -3.51 2.77 -31.05
CA GLN A 133 -4.86 2.47 -31.52
C GLN A 133 -4.91 1.19 -32.35
N ASN A 134 -3.86 0.95 -33.14
CA ASN A 134 -3.86 -0.18 -34.08
C ASN A 134 -3.29 -1.49 -33.50
N TRP A 135 -2.60 -1.38 -32.37
CA TRP A 135 -1.99 -2.52 -31.70
C TRP A 135 -3.05 -3.54 -31.31
N GLN A 136 -2.84 -4.81 -31.67
CA GLN A 136 -3.78 -5.88 -31.30
C GLN A 136 -3.17 -6.80 -30.25
N PRO A 137 -3.79 -6.85 -29.06
CA PRO A 137 -3.27 -7.74 -28.02
C PRO A 137 -3.45 -9.19 -28.41
N ALA A 138 -2.44 -9.96 -28.04
CA ALA A 138 -2.43 -11.38 -28.24
C ALA A 138 -3.17 -12.08 -27.11
N TRP A 139 -3.22 -11.41 -25.96
CA TRP A 139 -3.76 -12.01 -24.74
C TRP A 139 -4.68 -11.06 -24.01
N ALA A 140 -5.61 -11.63 -23.24
CA ALA A 140 -6.42 -10.83 -22.34
C ALA A 140 -5.54 -10.07 -21.35
N PRO A 141 -6.01 -8.90 -20.89
CA PRO A 141 -5.22 -8.16 -19.91
C PRO A 141 -5.03 -8.96 -18.62
N GLY A 142 -3.88 -8.79 -17.99
CA GLY A 142 -3.62 -9.38 -16.71
C GLY A 142 -3.40 -10.88 -16.77
N THR A 143 -2.97 -11.40 -17.91
CA THR A 143 -2.74 -12.85 -18.02
C THR A 143 -1.30 -13.23 -18.37
N GLN A 144 -0.60 -12.40 -19.12
CA GLN A 144 0.80 -12.68 -19.49
C GLN A 144 1.65 -11.44 -19.37
N ARG A 145 2.89 -11.66 -18.94
CA ARG A 145 3.87 -10.61 -18.84
C ARG A 145 4.81 -10.68 -20.05
N LEU A 146 5.00 -9.54 -20.70
CA LEU A 146 5.96 -9.43 -21.80
C LEU A 146 6.67 -8.11 -21.59
N TYR A 147 7.94 -8.16 -21.17
CA TYR A 147 8.70 -6.96 -20.87
C TYR A 147 8.69 -6.02 -22.06
N ALA A 148 8.36 -4.75 -21.81
CA ALA A 148 8.10 -3.85 -22.92
C ALA A 148 8.30 -2.37 -22.61
N ASN A 149 9.11 -1.71 -23.42
CA ASN A 149 9.23 -0.25 -23.30
C ASN A 149 7.93 0.43 -23.67
N SER A 150 7.21 -0.14 -24.61
CA SER A 150 5.97 0.51 -25.08
C SER A 150 4.88 0.42 -24.01
N SER A 151 5.08 -0.42 -23.00
CA SER A 151 4.09 -0.60 -21.94
C SER A 151 4.44 0.38 -20.80
N ILE A 152 5.59 0.19 -20.15
CA ILE A 152 5.92 1.07 -19.04
C ILE A 152 6.20 2.49 -19.47
N GLY A 153 6.68 2.65 -20.70
CA GLY A 153 6.90 3.99 -21.19
C GLY A 153 5.60 4.78 -21.31
N LEU A 154 4.54 4.14 -21.81
CA LEU A 154 3.24 4.81 -21.91
C LEU A 154 2.73 5.09 -20.49
N PHE A 155 2.94 4.14 -19.57
CA PHE A 155 2.54 4.41 -18.19
C PHE A 155 3.18 5.68 -17.68
N GLY A 156 4.49 5.81 -17.89
CA GLY A 156 5.15 7.01 -17.39
C GLY A 156 4.61 8.31 -18.01
N ALA A 157 4.37 8.28 -19.32
CA ALA A 157 3.81 9.45 -19.98
C ALA A 157 2.41 9.82 -19.46
N LEU A 158 1.58 8.83 -19.18
CA LEU A 158 0.23 9.13 -18.72
C LEU A 158 0.21 9.50 -17.25
N ALA A 159 1.13 8.93 -16.48
CA ALA A 159 1.12 9.14 -15.04
C ALA A 159 1.32 10.62 -14.68
N VAL A 160 2.02 11.36 -15.53
CA VAL A 160 2.32 12.75 -15.22
C VAL A 160 1.30 13.70 -15.84
N LYS A 161 0.30 13.18 -16.58
CA LYS A 161 -0.61 14.12 -17.24
C LYS A 161 -1.38 15.02 -16.25
N PRO A 162 -1.94 14.45 -15.17
CA PRO A 162 -2.73 15.34 -14.30
C PRO A 162 -1.90 16.48 -13.72
N SER A 163 -0.62 16.23 -13.47
CA SER A 163 0.22 17.30 -12.92
C SER A 163 0.41 18.47 -13.88
N GLY A 164 0.18 18.22 -15.17
CA GLY A 164 0.46 19.23 -16.18
C GLY A 164 1.95 19.44 -16.47
N LEU A 165 2.80 18.70 -15.76
CA LEU A 165 4.25 18.78 -15.96
C LEU A 165 4.70 17.86 -17.08
N SER A 166 5.75 18.26 -17.79
CA SER A 166 6.38 17.32 -18.70
C SER A 166 6.97 16.15 -17.88
N PHE A 167 7.15 15.01 -18.54
CA PHE A 167 7.79 13.89 -17.85
C PHE A 167 9.12 14.30 -17.21
N GLU A 168 9.95 15.03 -17.95
CA GLU A 168 11.25 15.44 -17.45
C GLU A 168 11.12 16.41 -16.26
N GLN A 169 10.21 17.39 -16.38
CA GLN A 169 10.00 18.33 -15.28
C GLN A 169 9.46 17.62 -14.02
N ALA A 170 8.53 16.70 -14.22
CA ALA A 170 8.02 15.90 -13.10
C ALA A 170 9.12 15.11 -12.43
N MET A 171 9.92 14.39 -13.23
CA MET A 171 10.98 13.59 -12.67
C MET A 171 11.97 14.47 -11.90
N GLN A 172 12.36 15.58 -12.48
CA GLN A 172 13.33 16.48 -11.84
C GLN A 172 12.79 17.05 -10.55
N THR A 173 11.56 17.55 -10.57
CA THR A 173 11.08 18.28 -9.40
C THR A 173 10.57 17.31 -8.31
N ARG A 174 10.10 16.14 -8.71
CA ARG A 174 9.42 15.24 -7.76
C ARG A 174 10.26 14.06 -7.28
N VAL A 175 11.35 13.74 -8.00
CA VAL A 175 12.19 12.61 -7.62
C VAL A 175 13.65 13.07 -7.51
N PHE A 176 14.24 13.59 -8.57
CA PHE A 176 15.67 13.91 -8.54
C PHE A 176 15.96 14.98 -7.45
N GLN A 177 15.23 16.09 -7.48
CA GLN A 177 15.56 17.18 -6.57
C GLN A 177 15.38 16.82 -5.08
N PRO A 178 14.25 16.23 -4.69
CA PRO A 178 14.07 15.90 -3.28
C PRO A 178 15.11 14.91 -2.75
N LEU A 179 15.58 14.01 -3.61
CA LEU A 179 16.56 12.99 -3.22
C LEU A 179 17.99 13.50 -3.40
N LYS A 180 18.14 14.76 -3.80
CA LYS A 180 19.48 15.35 -4.00
C LYS A 180 20.30 14.57 -5.03
N LEU A 181 19.61 14.12 -6.08
CA LEU A 181 20.27 13.49 -7.23
C LEU A 181 20.59 14.61 -8.22
N ASN A 182 21.66 15.37 -7.92
CA ASN A 182 21.96 16.58 -8.68
C ASN A 182 22.82 16.34 -9.90
N HIS A 183 23.16 15.08 -10.14
CA HIS A 183 23.92 14.69 -11.33
C HIS A 183 23.27 13.51 -12.02
N THR A 184 21.94 13.56 -12.06
CA THR A 184 21.12 12.55 -12.71
C THR A 184 20.21 13.29 -13.69
N TRP A 185 20.13 12.78 -14.92
CA TRP A 185 19.57 13.59 -16.03
C TRP A 185 18.79 12.73 -16.99
N ILE A 186 17.70 13.27 -17.51
CA ILE A 186 17.05 12.67 -18.67
C ILE A 186 17.72 13.16 -19.96
N ASN A 187 18.16 14.41 -19.93
CA ASN A 187 18.89 15.00 -21.03
C ASN A 187 20.17 15.57 -20.45
N VAL A 188 21.33 15.08 -20.90
CA VAL A 188 22.57 15.53 -20.30
C VAL A 188 22.81 16.99 -20.68
N PRO A 189 22.96 17.87 -19.69
CA PRO A 189 23.17 19.30 -20.02
C PRO A 189 24.61 19.58 -20.46
N PRO A 190 24.83 20.68 -21.18
CA PRO A 190 26.17 21.02 -21.64
C PRO A 190 27.18 21.08 -20.50
N ALA A 191 26.74 21.57 -19.33
CA ALA A 191 27.63 21.68 -18.17
C ALA A 191 28.25 20.35 -17.74
N GLU A 192 27.57 19.25 -18.06
CA GLU A 192 27.99 17.94 -17.59
CA GLU A 192 28.07 17.95 -17.59
C GLU A 192 28.64 17.11 -18.72
N GLU A 193 28.77 17.68 -19.92
CA GLU A 193 29.27 16.88 -21.04
C GLU A 193 30.69 16.32 -20.83
N LYS A 194 31.53 17.06 -20.13
CA LYS A 194 32.88 16.58 -19.84
C LYS A 194 32.88 15.29 -19.01
N ASN A 195 31.78 15.03 -18.32
CA ASN A 195 31.67 13.84 -17.48
C ASN A 195 30.90 12.68 -18.11
N TYR A 196 30.34 12.90 -19.29
CA TYR A 196 29.47 11.91 -19.90
C TYR A 196 30.33 10.90 -20.64
N ALA A 197 30.40 9.70 -20.09
CA ALA A 197 31.14 8.63 -20.72
C ALA A 197 30.61 8.31 -22.10
N TRP A 198 31.49 7.85 -22.98
CA TRP A 198 31.04 7.20 -24.19
C TRP A 198 30.70 5.74 -23.92
N GLY A 199 29.68 5.21 -24.60
CA GLY A 199 29.42 3.78 -24.61
C GLY A 199 30.26 3.16 -25.73
N TYR A 200 30.52 1.87 -25.63
CA TYR A 200 31.31 1.21 -26.66
C TYR A 200 30.57 0.00 -27.18
N ARG A 201 30.35 -0.01 -28.49
CA ARG A 201 29.65 -1.11 -29.15
C ARG A 201 30.46 -1.47 -30.37
N GLU A 202 30.95 -2.72 -30.42
CA GLU A 202 31.80 -3.17 -31.51
C GLU A 202 32.97 -2.22 -31.71
N GLY A 203 33.51 -1.73 -30.61
CA GLY A 203 34.65 -0.85 -30.64
C GLY A 203 34.40 0.58 -31.10
N LYS A 204 33.13 0.95 -31.29
CA LYS A 204 32.81 2.32 -31.67
C LYS A 204 32.20 3.05 -30.48
N ALA A 205 32.56 4.32 -30.32
CA ALA A 205 31.96 5.16 -29.28
C ALA A 205 30.54 5.56 -29.69
N VAL A 206 29.59 5.30 -28.79
CA VAL A 206 28.18 5.58 -29.07
C VAL A 206 27.44 6.13 -27.87
N HIS A 207 26.43 6.95 -28.16
CA HIS A 207 25.46 7.37 -27.15
C HIS A 207 24.07 6.95 -27.57
N VAL A 208 23.17 6.89 -26.60
CA VAL A 208 21.80 6.48 -26.90
C VAL A 208 21.19 7.37 -27.97
N SER A 209 20.37 6.77 -28.85
CA SER A 209 19.67 7.53 -29.88
CA SER A 209 19.68 7.56 -29.85
C SER A 209 18.28 7.95 -29.39
N PRO A 210 17.81 9.10 -29.88
CA PRO A 210 16.45 9.53 -29.54
C PRO A 210 15.41 8.52 -30.04
N GLY A 211 14.33 8.33 -29.27
CA GLY A 211 13.23 7.54 -29.79
C GLY A 211 11.99 7.81 -28.98
N ALA A 212 10.85 7.39 -29.49
CA ALA A 212 9.60 7.57 -28.78
C ALA A 212 9.63 6.92 -27.39
N LEU A 213 9.15 7.66 -26.40
CA LEU A 213 9.07 7.19 -25.01
C LEU A 213 10.44 6.76 -24.48
N ASP A 214 11.51 7.32 -25.05
CA ASP A 214 12.85 7.01 -24.54
C ASP A 214 13.05 7.43 -23.08
N ALA A 215 12.67 8.65 -22.75
CA ALA A 215 12.90 9.16 -21.40
C ALA A 215 12.25 8.25 -20.36
N GLU A 216 11.05 7.81 -20.69
CA GLU A 216 10.22 7.04 -19.79
C GLU A 216 10.68 5.60 -19.61
N ALA A 217 11.32 5.04 -20.63
CA ALA A 217 11.66 3.63 -20.64
C ALA A 217 13.15 3.33 -20.42
N TYR A 218 14.04 4.20 -20.89
CA TYR A 218 15.48 3.84 -20.84
C TYR A 218 16.40 5.04 -20.91
N GLY A 219 15.91 6.26 -20.61
CA GLY A 219 16.68 7.44 -20.90
C GLY A 219 17.42 8.19 -19.79
N VAL A 220 17.53 7.62 -18.61
CA VAL A 220 18.22 8.34 -17.55
C VAL A 220 19.74 8.07 -17.59
N LYS A 221 20.52 9.11 -17.28
CA LYS A 221 21.97 9.04 -17.15
C LYS A 221 22.28 9.46 -15.72
N SER A 222 23.25 8.80 -15.10
CA SER A 222 23.55 9.14 -13.70
C SER A 222 24.98 8.77 -13.35
N THR A 223 25.43 9.26 -12.20
CA THR A 223 26.75 8.93 -11.67
C THR A 223 26.68 7.83 -10.63
N ILE A 224 27.81 7.24 -10.29
CA ILE A 224 27.80 6.17 -9.29
C ILE A 224 27.38 6.72 -7.90
N GLU A 225 27.68 7.98 -7.64
CA GLU A 225 27.30 8.58 -6.37
C GLU A 225 25.79 8.76 -6.28
N ASP A 226 25.20 9.32 -7.33
CA ASP A 226 23.75 9.46 -7.32
C ASP A 226 23.07 8.11 -7.29
N MET A 227 23.62 7.12 -8.00
CA MET A 227 22.97 5.82 -7.99
C MET A 227 23.05 5.16 -6.62
N ALA A 228 24.16 5.35 -5.90
CA ALA A 228 24.25 4.84 -4.52
C ALA A 228 23.16 5.51 -3.68
N ARG A 229 22.94 6.80 -3.86
CA ARG A 229 21.88 7.49 -3.12
C ARG A 229 20.48 6.99 -3.50
N TRP A 230 20.29 6.68 -4.78
CA TRP A 230 19.03 6.05 -5.23
C TRP A 230 18.83 4.72 -4.50
N VAL A 231 19.88 3.89 -4.42
CA VAL A 231 19.76 2.65 -3.67
C VAL A 231 19.46 2.90 -2.18
N GLN A 232 20.17 3.83 -1.54
CA GLN A 232 19.87 4.17 -0.16
C GLN A 232 18.41 4.56 0.03
N SER A 233 17.88 5.33 -0.93
CA SER A 233 16.51 5.85 -0.84
C SER A 233 15.51 4.72 -0.96
N ASN A 234 15.82 3.74 -1.81
CA ASN A 234 14.96 2.60 -2.01
C ASN A 234 15.09 1.56 -0.89
N LEU A 235 16.23 1.55 -0.22
CA LEU A 235 16.44 0.65 0.91
C LEU A 235 15.66 1.12 2.12
N LYS A 236 15.60 2.44 2.30
CA LYS A 236 15.00 3.04 3.51
C LYS A 236 14.06 4.20 3.15
N PRO A 237 12.92 3.87 2.54
CA PRO A 237 12.03 4.95 2.11
C PRO A 237 11.46 5.77 3.27
N LEU A 238 11.40 5.20 4.47
CA LEU A 238 10.80 5.95 5.57
C LEU A 238 11.69 7.12 6.04
N ASP A 239 12.95 7.12 5.62
CA ASP A 239 13.85 8.25 5.91
C ASP A 239 13.56 9.45 5.01
N ILE A 240 12.78 9.25 3.96
CA ILE A 240 12.52 10.32 3.00
C ILE A 240 11.47 11.26 3.58
N ASN A 241 11.78 12.56 3.63
CA ASN A 241 10.88 13.52 4.27
C ASN A 241 9.62 13.84 3.45
N GLU A 242 9.73 13.78 2.12
CA GLU A 242 8.57 14.05 1.27
C GLU A 242 7.61 12.88 1.29
N LYS A 243 6.41 13.10 1.87
CA LYS A 243 5.48 12.00 2.14
C LYS A 243 5.09 11.22 0.88
N THR A 244 4.72 11.92 -0.19
CA THR A 244 4.25 11.19 -1.37
C THR A 244 5.38 10.41 -2.04
N LEU A 245 6.61 10.90 -1.91
CA LEU A 245 7.73 10.22 -2.55
C LEU A 245 8.13 8.98 -1.74
N GLN A 246 8.14 9.13 -0.43
CA GLN A 246 8.28 8.00 0.49
C GLN A 246 7.25 6.92 0.15
N GLN A 247 6.02 7.32 -0.03
CA GLN A 247 4.97 6.37 -0.37
CA GLN A 247 4.98 6.36 -0.36
C GLN A 247 5.15 5.77 -1.76
N GLY A 248 5.55 6.59 -2.73
CA GLY A 248 5.75 6.11 -4.10
C GLY A 248 6.84 5.06 -4.19
N ILE A 249 7.89 5.24 -3.39
CA ILE A 249 8.95 4.23 -3.31
C ILE A 249 8.43 2.91 -2.79
N GLN A 250 7.61 2.97 -1.74
CA GLN A 250 7.03 1.75 -1.23
C GLN A 250 6.10 1.11 -2.26
N LEU A 251 5.29 1.91 -2.97
CA LEU A 251 4.40 1.31 -3.97
C LEU A 251 5.16 0.62 -5.10
N ALA A 252 6.34 1.15 -5.46
CA ALA A 252 7.11 0.56 -6.55
C ALA A 252 7.68 -0.80 -6.19
N GLN A 253 7.78 -1.10 -4.90
CA GLN A 253 8.30 -2.40 -4.43
C GLN A 253 7.19 -3.34 -3.98
N SER A 254 5.94 -2.91 -4.13
CA SER A 254 4.86 -3.86 -3.92
C SER A 254 4.87 -4.96 -4.96
N ARG A 255 4.33 -6.12 -4.59
CA ARG A 255 4.35 -7.28 -5.48
C ARG A 255 3.01 -7.44 -6.17
N TYR A 256 2.96 -7.20 -7.47
CA TYR A 256 1.68 -7.15 -8.20
C TYR A 256 1.36 -8.43 -8.94
N TRP A 257 2.41 -9.11 -9.42
CA TRP A 257 2.25 -10.33 -10.23
C TRP A 257 3.37 -11.25 -9.90
N GLN A 258 3.14 -12.54 -10.06
CA GLN A 258 4.20 -13.52 -9.87
C GLN A 258 4.37 -14.35 -11.13
N THR A 259 5.61 -14.54 -11.57
CA THR A 259 5.92 -15.54 -12.58
C THR A 259 7.16 -16.30 -12.09
N GLY A 260 7.01 -17.60 -11.91
CA GLY A 260 8.10 -18.36 -11.32
C GLY A 260 8.39 -17.86 -9.92
N ASP A 261 9.66 -17.60 -9.62
CA ASP A 261 9.99 -17.09 -8.30
C ASP A 261 10.14 -15.56 -8.31
N MET A 262 9.74 -14.90 -9.40
CA MET A 262 9.89 -13.47 -9.52
CA MET A 262 9.90 -13.46 -9.42
C MET A 262 8.57 -12.73 -9.31
N TYR A 263 8.64 -11.57 -8.68
CA TYR A 263 7.49 -10.72 -8.48
C TYR A 263 7.72 -9.40 -9.20
N GLN A 264 6.70 -8.92 -9.88
CA GLN A 264 6.80 -7.68 -10.64
C GLN A 264 6.34 -6.50 -9.79
N GLY A 265 7.24 -5.55 -9.56
CA GLY A 265 6.89 -4.25 -8.95
C GLY A 265 6.61 -3.19 -10.02
N LEU A 266 6.71 -1.92 -9.64
CA LEU A 266 6.70 -0.86 -10.64
C LEU A 266 8.16 -0.53 -10.99
N GLY A 267 8.61 -1.08 -12.11
CA GLY A 267 10.00 -0.91 -12.54
C GLY A 267 10.88 -1.95 -11.82
N TRP A 268 10.91 -1.92 -10.50
CA TRP A 268 11.64 -2.93 -9.75
C TRP A 268 11.06 -4.32 -9.95
N GLU A 269 11.94 -5.33 -9.88
CA GLU A 269 11.54 -6.72 -9.80
C GLU A 269 12.11 -7.30 -8.51
N MET A 270 11.45 -8.32 -7.96
CA MET A 270 11.79 -8.79 -6.62
C MET A 270 11.71 -10.31 -6.55
N LEU A 271 12.60 -10.90 -5.75
CA LEU A 271 12.50 -12.30 -5.35
C LEU A 271 12.62 -12.34 -3.85
N ASP A 272 12.08 -13.39 -3.21
CA ASP A 272 12.30 -13.54 -1.79
C ASP A 272 13.78 -13.80 -1.49
N TRP A 273 14.28 -13.20 -0.42
CA TRP A 273 15.63 -13.48 0.09
C TRP A 273 15.50 -14.44 1.29
N PRO A 274 16.34 -15.48 1.34
CA PRO A 274 17.45 -15.73 0.41
C PRO A 274 17.01 -16.27 -0.92
N VAL A 275 17.76 -15.91 -1.94
CA VAL A 275 17.43 -16.30 -3.29
C VAL A 275 18.26 -17.50 -3.62
N ASN A 276 17.76 -18.27 -4.57
CA ASN A 276 18.59 -19.25 -5.27
C ASN A 276 19.38 -18.43 -6.30
N PRO A 277 20.71 -18.37 -6.18
CA PRO A 277 21.48 -17.50 -7.08
C PRO A 277 21.33 -17.93 -8.55
N ASP A 278 21.17 -19.23 -8.79
CA ASP A 278 20.97 -19.70 -10.16
C ASP A 278 19.66 -19.17 -10.71
N SER A 279 18.69 -18.97 -9.83
CA SER A 279 17.41 -18.43 -10.26
C SER A 279 17.56 -16.98 -10.77
N ILE A 280 18.20 -16.11 -10.00
CA ILE A 280 18.37 -14.73 -10.47
C ILE A 280 19.42 -14.60 -11.57
N ILE A 281 20.47 -15.42 -11.49
CA ILE A 281 21.50 -15.32 -12.49
C ILE A 281 20.98 -15.77 -13.84
N ASN A 282 20.41 -16.96 -13.88
CA ASN A 282 19.92 -17.49 -15.14
C ASN A 282 18.68 -16.73 -15.60
N GLY A 283 17.86 -16.31 -14.63
CA GLY A 283 16.65 -15.57 -14.92
C GLY A 283 16.91 -14.19 -15.51
N SER A 284 18.12 -13.68 -15.33
CA SER A 284 18.45 -12.35 -15.87
C SER A 284 18.79 -12.38 -17.35
N ASP A 285 19.16 -13.55 -17.85
CA ASP A 285 19.49 -13.72 -19.24
C ASP A 285 18.26 -13.29 -20.04
N ASN A 286 18.48 -12.53 -21.11
CA ASN A 286 17.39 -12.02 -21.94
C ASN A 286 16.56 -13.11 -22.63
N LYS A 287 17.14 -14.29 -22.83
CA LYS A 287 16.33 -15.40 -23.29
C LYS A 287 15.17 -15.76 -22.33
N ILE A 288 15.32 -15.38 -21.06
CA ILE A 288 14.26 -15.56 -20.05
C ILE A 288 13.55 -14.24 -19.73
N ALA A 289 14.35 -13.20 -19.51
CA ALA A 289 13.84 -11.90 -19.06
C ALA A 289 12.89 -11.21 -20.05
N LEU A 290 12.98 -11.61 -21.32
CA LEU A 290 12.27 -10.93 -22.40
C LEU A 290 11.14 -11.79 -23.00
N ALA A 291 11.03 -13.05 -22.53
CA ALA A 291 10.04 -14.06 -22.94
C ALA A 291 8.62 -13.72 -22.53
N ALA A 292 7.61 -14.30 -23.19
CA ALA A 292 6.22 -14.14 -22.74
C ALA A 292 5.94 -15.19 -21.68
N ARG A 293 5.53 -14.76 -20.49
CA ARG A 293 5.29 -15.66 -19.38
CA ARG A 293 5.30 -15.66 -19.37
C ARG A 293 3.92 -15.46 -18.74
N PRO A 294 3.20 -16.56 -18.51
CA PRO A 294 1.95 -16.42 -17.78
C PRO A 294 2.19 -15.86 -16.38
N VAL A 295 1.29 -15.01 -15.91
CA VAL A 295 1.43 -14.42 -14.56
C VAL A 295 0.25 -14.80 -13.68
N LYS A 296 0.53 -14.89 -12.38
CA LYS A 296 -0.49 -14.99 -11.35
C LYS A 296 -0.66 -13.62 -10.71
N ALA A 297 -1.91 -13.17 -10.64
CA ALA A 297 -2.22 -11.92 -9.97
C ALA A 297 -2.03 -12.10 -8.48
N ILE A 298 -1.42 -11.10 -7.86
CA ILE A 298 -1.34 -11.07 -6.41
CA ILE A 298 -1.32 -11.05 -6.41
C ILE A 298 -2.42 -10.11 -5.93
N THR A 299 -3.46 -10.71 -5.35
CA THR A 299 -4.72 -10.01 -5.14
C THR A 299 -5.05 -9.94 -3.66
N PRO A 300 -4.80 -8.79 -3.01
CA PRO A 300 -4.21 -7.54 -3.48
C PRO A 300 -2.69 -7.63 -3.42
N PRO A 301 -2.00 -6.67 -4.03
CA PRO A 301 -0.53 -6.68 -3.99
C PRO A 301 0.03 -6.72 -2.58
N THR A 302 1.13 -7.46 -2.43
CA THR A 302 1.80 -7.52 -1.14
C THR A 302 2.64 -6.26 -0.96
N PRO A 303 2.56 -5.61 0.20
CA PRO A 303 3.40 -4.43 0.42
C PRO A 303 4.85 -4.85 0.38
N ALA A 304 5.73 -3.89 0.08
CA ALA A 304 7.15 -4.16 -0.07
C ALA A 304 7.64 -5.07 1.06
N VAL A 305 8.21 -6.19 0.65
CA VAL A 305 8.77 -7.17 1.58
C VAL A 305 10.24 -6.88 1.83
N ARG A 306 10.60 -6.67 3.09
CA ARG A 306 11.97 -6.29 3.41
C ARG A 306 13.00 -7.37 3.08
N ALA A 307 12.63 -8.63 3.30
CA ALA A 307 13.44 -9.78 2.94
C ALA A 307 13.35 -10.13 1.45
N SER A 308 13.80 -9.19 0.61
CA SER A 308 13.73 -9.38 -0.83
C SER A 308 15.07 -9.09 -1.46
N TRP A 309 15.35 -9.78 -2.56
CA TRP A 309 16.35 -9.34 -3.51
C TRP A 309 15.60 -8.45 -4.51
N VAL A 310 15.87 -7.15 -4.48
CA VAL A 310 15.18 -6.20 -5.34
C VAL A 310 16.19 -5.78 -6.38
N HIS A 311 15.85 -5.81 -7.67
CA HIS A 311 16.87 -5.52 -8.67
C HIS A 311 16.30 -5.07 -10.01
N LYS A 312 17.18 -4.57 -10.86
CA LYS A 312 16.83 -4.23 -12.22
C LYS A 312 18.10 -4.17 -13.05
N THR A 313 18.05 -4.79 -14.22
CA THR A 313 19.11 -4.66 -15.23
C THR A 313 18.80 -3.54 -16.20
N GLY A 314 19.83 -2.97 -16.82
CA GLY A 314 19.61 -1.98 -17.84
C GLY A 314 20.65 -2.05 -18.93
N ALA A 315 20.25 -1.75 -20.16
CA ALA A 315 21.21 -1.66 -21.24
C ALA A 315 20.84 -0.58 -22.24
N THR A 316 21.86 0.01 -22.87
CA THR A 316 21.67 0.73 -24.12
C THR A 316 22.71 0.11 -25.04
N GLY A 317 22.78 0.57 -26.29
CA GLY A 317 23.71 -0.05 -27.23
C GLY A 317 25.13 -0.07 -26.69
N GLY A 318 25.50 0.97 -25.97
CA GLY A 318 26.85 1.11 -25.44
C GLY A 318 27.11 0.91 -23.96
N PHE A 319 26.07 0.56 -23.18
CA PHE A 319 26.18 0.57 -21.72
C PHE A 319 25.45 -0.58 -21.11
N GLY A 320 25.90 -1.00 -19.94
CA GLY A 320 25.24 -2.06 -19.19
C GLY A 320 25.26 -1.72 -17.72
N SER A 321 24.08 -1.75 -17.10
CA SER A 321 23.95 -1.33 -15.70
CA SER A 321 23.95 -1.34 -15.71
C SER A 321 23.22 -2.41 -14.93
N TYR A 322 23.42 -2.41 -13.61
CA TYR A 322 22.70 -3.35 -12.77
C TYR A 322 22.60 -2.77 -11.39
N VAL A 323 21.43 -2.88 -10.76
CA VAL A 323 21.29 -2.49 -9.37
C VAL A 323 20.57 -3.61 -8.62
N ALA A 324 21.04 -3.93 -7.42
CA ALA A 324 20.34 -4.90 -6.58
C ALA A 324 20.50 -4.49 -5.12
N PHE A 325 19.47 -4.73 -4.33
CA PHE A 325 19.58 -4.48 -2.91
C PHE A 325 18.67 -5.36 -2.09
N ILE A 326 18.99 -5.46 -0.80
CA ILE A 326 18.23 -6.29 0.11
C ILE A 326 17.86 -5.41 1.31
N PRO A 327 16.62 -4.89 1.33
CA PRO A 327 16.23 -3.96 2.41
C PRO A 327 16.54 -4.43 3.83
N GLU A 328 16.18 -5.67 4.13
CA GLU A 328 16.34 -6.24 5.47
C GLU A 328 17.79 -6.18 5.94
N LYS A 329 18.73 -6.14 5.00
CA LYS A 329 20.15 -6.17 5.37
C LYS A 329 20.88 -4.85 5.19
N GLU A 330 20.16 -3.82 4.74
CA GLU A 330 20.77 -2.51 4.51
C GLU A 330 21.93 -2.63 3.53
N LEU A 331 21.74 -3.49 2.54
CA LEU A 331 22.83 -3.91 1.67
C LEU A 331 22.46 -3.72 0.20
N GLY A 332 23.38 -3.19 -0.59
CA GLY A 332 23.07 -3.00 -1.98
C GLY A 332 24.29 -2.80 -2.85
N ILE A 333 24.08 -2.87 -4.16
CA ILE A 333 25.17 -2.66 -5.09
C ILE A 333 24.63 -2.00 -6.35
N VAL A 334 25.47 -1.16 -6.95
CA VAL A 334 25.24 -0.61 -8.26
C VAL A 334 26.49 -0.89 -9.11
N MET A 335 26.28 -1.39 -10.32
CA MET A 335 27.38 -1.63 -11.27
C MET A 335 27.07 -0.90 -12.56
N LEU A 336 27.91 0.07 -12.94
CA LEU A 336 27.68 0.85 -14.18
C LEU A 336 28.87 0.61 -15.08
N ALA A 337 28.62 0.23 -16.32
CA ALA A 337 29.70 -0.04 -17.28
C ALA A 337 29.36 0.57 -18.60
N ASN A 338 30.39 0.97 -19.36
CA ASN A 338 30.18 1.50 -20.69
C ASN A 338 30.45 0.46 -21.78
N LYS A 339 29.93 -0.74 -21.53
CA LYS A 339 29.76 -1.77 -22.53
C LYS A 339 28.51 -2.55 -22.13
N ASN A 340 27.69 -2.91 -23.09
CA ASN A 340 26.52 -3.74 -22.80
C ASN A 340 26.91 -5.23 -22.79
N TYR A 341 27.35 -5.71 -21.62
CA TYR A 341 27.85 -7.09 -21.49
C TYR A 341 26.75 -7.97 -20.89
N PRO A 342 26.84 -9.31 -21.03
CA PRO A 342 25.66 -10.14 -20.73
C PRO A 342 25.09 -10.03 -19.31
N ASN A 343 23.76 -9.94 -19.20
CA ASN A 343 23.12 -9.87 -17.89
C ASN A 343 23.57 -10.91 -16.84
N PRO A 344 23.69 -12.18 -17.22
CA PRO A 344 24.05 -13.16 -16.20
C PRO A 344 25.39 -12.89 -15.54
N ALA A 345 26.35 -12.32 -16.27
CA ALA A 345 27.63 -11.95 -15.70
C ALA A 345 27.46 -10.84 -14.66
N ARG A 346 26.53 -9.90 -14.91
CA ARG A 346 26.26 -8.85 -13.93
C ARG A 346 25.67 -9.44 -12.68
N VAL A 347 24.67 -10.29 -12.83
CA VAL A 347 23.97 -10.78 -11.66
C VAL A 347 24.89 -11.69 -10.85
N ASP A 348 25.71 -12.48 -11.53
CA ASP A 348 26.62 -13.38 -10.85
C ASP A 348 27.58 -12.60 -9.97
N ALA A 349 28.12 -11.50 -10.52
CA ALA A 349 29.10 -10.69 -9.78
C ALA A 349 28.42 -10.02 -8.60
N ALA A 350 27.21 -9.48 -8.83
CA ALA A 350 26.50 -8.81 -7.76
C ALA A 350 26.18 -9.80 -6.64
N TRP A 351 25.75 -11.00 -6.98
CA TRP A 351 25.41 -11.95 -5.93
C TRP A 351 26.66 -12.39 -5.17
N GLN A 352 27.77 -12.61 -5.88
CA GLN A 352 29.02 -12.99 -5.21
C GLN A 352 29.39 -11.92 -4.17
N ILE A 353 29.24 -10.65 -4.56
CA ILE A 353 29.60 -9.56 -3.66
C ILE A 353 28.63 -9.48 -2.50
N LEU A 354 27.33 -9.38 -2.77
CA LEU A 354 26.38 -9.24 -1.67
C LEU A 354 26.31 -10.47 -0.75
N ASN A 355 26.44 -11.65 -1.34
CA ASN A 355 26.39 -12.84 -0.49
C ASN A 355 27.58 -12.86 0.49
N ALA A 356 28.74 -12.42 0.03
CA ALA A 356 29.93 -12.40 0.89
C ALA A 356 29.80 -11.40 2.03
N LEU A 357 29.03 -10.34 1.81
CA LEU A 357 28.94 -9.26 2.79
C LEU A 357 27.74 -9.43 3.70
N GLN A 358 26.85 -10.34 3.32
CA GLN A 358 25.55 -10.47 3.95
C GLN A 358 25.68 -11.10 5.32
N ALA B 1 -12.88 24.86 24.54
CA ALA B 1 -13.14 24.60 23.12
C ALA B 1 -13.61 25.86 22.39
N PRO B 2 -13.25 25.99 21.10
CA PRO B 2 -13.81 27.08 20.31
C PRO B 2 -15.33 27.14 20.45
N GLN B 3 -15.84 28.36 20.40
CA GLN B 3 -17.26 28.60 20.54
CA GLN B 3 -17.26 28.67 20.46
C GLN B 3 -18.06 27.89 19.45
N GLN B 4 -17.51 27.81 18.24
CA GLN B 4 -18.29 27.21 17.16
C GLN B 4 -18.47 25.72 17.37
N ILE B 5 -17.48 25.05 17.96
CA ILE B 5 -17.61 23.64 18.27
C ILE B 5 -18.66 23.45 19.36
N ASN B 6 -18.51 24.20 20.44
CA ASN B 6 -19.45 24.12 21.54
C ASN B 6 -20.89 24.32 21.04
N ASP B 7 -21.09 25.32 20.17
CA ASP B 7 -22.42 25.66 19.73
C ASP B 7 -23.04 24.54 18.89
N ILE B 8 -22.31 24.04 17.90
CA ILE B 8 -22.92 23.07 17.01
C ILE B 8 -23.12 21.74 17.75
N VAL B 9 -22.18 21.38 18.63
CA VAL B 9 -22.37 20.17 19.40
C VAL B 9 -23.60 20.25 20.31
N HIS B 10 -23.77 21.36 21.02
CA HIS B 10 -24.88 21.53 21.96
C HIS B 10 -26.18 21.53 21.17
N ARG B 11 -26.21 22.22 20.04
CA ARG B 11 -27.45 22.31 19.28
C ARG B 11 -27.81 21.02 18.58
N THR B 12 -26.83 20.13 18.39
CA THR B 12 -27.07 18.91 17.63
C THR B 12 -27.23 17.69 18.55
N ILE B 13 -26.29 17.51 19.47
CA ILE B 13 -26.30 16.33 20.34
C ILE B 13 -27.32 16.44 21.47
N THR B 14 -27.42 17.62 22.07
CA THR B 14 -28.30 17.73 23.21
C THR B 14 -29.73 17.36 22.79
N PRO B 15 -30.22 17.87 21.64
CA PRO B 15 -31.55 17.43 21.25
C PRO B 15 -31.65 15.97 20.81
N LEU B 16 -30.56 15.40 20.29
CA LEU B 16 -30.56 13.99 19.93
C LEU B 16 -30.79 13.14 21.16
N ILE B 17 -30.16 13.53 22.26
CA ILE B 17 -30.24 12.77 23.49
C ILE B 17 -31.68 12.75 23.99
N GLU B 18 -32.36 13.89 23.91
CA GLU B 18 -33.74 13.98 24.36
CA GLU B 18 -33.75 14.01 24.33
C GLU B 18 -34.64 13.17 23.43
N GLN B 19 -34.43 13.29 22.13
CA GLN B 19 -35.24 12.62 21.12
C GLN B 19 -35.15 11.09 21.23
N GLN B 20 -33.96 10.60 21.56
CA GLN B 20 -33.67 9.17 21.54
C GLN B 20 -33.71 8.56 22.93
N LYS B 21 -33.96 9.40 23.93
CA LYS B 21 -33.95 9.00 25.34
C LYS B 21 -32.66 8.30 25.76
N ILE B 22 -31.54 8.89 25.40
CA ILE B 22 -30.24 8.29 25.74
C ILE B 22 -29.83 8.60 27.18
N PRO B 23 -29.54 7.56 28.00
CA PRO B 23 -29.20 7.82 29.39
C PRO B 23 -27.88 8.57 29.61
N GLY B 24 -26.86 8.27 28.81
CA GLY B 24 -25.54 8.83 29.02
C GLY B 24 -24.82 8.89 27.68
N MET B 25 -24.02 9.94 27.49
CA MET B 25 -23.35 10.10 26.20
C MET B 25 -22.05 10.83 26.37
N ALA B 26 -21.05 10.45 25.58
CA ALA B 26 -19.81 11.20 25.52
C ALA B 26 -19.49 11.43 24.07
N VAL B 27 -19.02 12.63 23.78
CA VAL B 27 -18.67 12.99 22.42
C VAL B 27 -17.28 13.61 22.45
N ALA B 28 -16.45 13.30 21.45
CA ALA B 28 -15.22 14.04 21.24
C ALA B 28 -15.28 14.59 19.83
N VAL B 29 -14.91 15.86 19.67
CA VAL B 29 -14.69 16.39 18.34
C VAL B 29 -13.20 16.66 18.22
N ILE B 30 -12.62 16.19 17.12
CA ILE B 30 -11.24 16.49 16.83
C ILE B 30 -11.25 17.61 15.80
N TYR B 31 -10.65 18.74 16.15
CA TYR B 31 -10.66 19.90 15.28
C TYR B 31 -9.25 20.43 15.15
N GLN B 32 -8.82 20.59 13.91
CA GLN B 32 -7.43 20.90 13.61
C GLN B 32 -6.52 19.96 14.41
N GLY B 33 -6.94 18.70 14.45
CA GLY B 33 -6.18 17.65 15.11
C GLY B 33 -6.21 17.58 16.62
N LYS B 34 -6.93 18.50 17.29
CA LYS B 34 -6.96 18.55 18.75
C LYS B 34 -8.35 18.18 19.29
N PRO B 35 -8.42 17.50 20.45
CA PRO B 35 -9.71 16.98 20.94
C PRO B 35 -10.47 17.92 21.86
N TYR B 36 -11.80 17.86 21.75
CA TYR B 36 -12.70 18.65 22.60
C TYR B 36 -13.80 17.70 23.07
N TYR B 37 -14.06 17.71 24.37
CA TYR B 37 -14.88 16.69 24.97
C TYR B 37 -16.17 17.22 25.55
N PHE B 38 -17.20 16.39 25.45
CA PHE B 38 -18.54 16.75 25.91
C PHE B 38 -19.15 15.52 26.56
N THR B 39 -19.80 15.72 27.69
CA THR B 39 -20.47 14.59 28.34
C THR B 39 -21.85 15.00 28.83
N TRP B 40 -22.74 14.02 28.88
CA TRP B 40 -24.11 14.21 29.37
C TRP B 40 -24.55 12.97 30.12
N GLY B 41 -25.39 13.14 31.13
CA GLY B 41 -26.14 12.02 31.62
C GLY B 41 -25.40 11.03 32.49
N TYR B 42 -25.91 9.82 32.55
CA TYR B 42 -25.43 8.84 33.52
C TYR B 42 -24.86 7.60 32.87
N ALA B 43 -23.71 7.15 33.40
CA ALA B 43 -23.13 5.86 33.05
C ALA B 43 -23.90 4.73 33.73
N ASP B 44 -24.41 5.04 34.94
CA ASP B 44 -25.16 4.10 35.77
C ASP B 44 -26.31 4.90 36.39
N ILE B 45 -27.52 4.62 35.92
CA ILE B 45 -28.65 5.46 36.27
C ILE B 45 -29.00 5.29 37.75
N ALA B 46 -29.09 4.04 38.15
CA ALA B 46 -29.44 3.72 39.54
C ALA B 46 -28.50 4.39 40.53
N LYS B 47 -27.20 4.31 40.27
CA LYS B 47 -26.19 4.91 41.13
C LYS B 47 -26.09 6.42 40.88
N LYS B 48 -26.71 6.91 39.81
CA LYS B 48 -26.56 8.31 39.39
C LYS B 48 -25.08 8.63 39.25
N GLN B 49 -24.38 7.71 38.60
CA GLN B 49 -22.97 7.89 38.28
C GLN B 49 -22.90 8.59 36.93
N PRO B 50 -22.38 9.83 36.88
CA PRO B 50 -22.26 10.59 35.64
C PRO B 50 -21.29 9.95 34.67
N VAL B 51 -21.56 10.17 33.40
CA VAL B 51 -20.59 9.89 32.36
C VAL B 51 -19.45 10.87 32.56
N THR B 52 -18.21 10.37 32.48
CA THR B 52 -17.04 11.23 32.55
C THR B 52 -16.08 10.86 31.42
N GLN B 53 -14.96 11.57 31.35
CA GLN B 53 -13.90 11.25 30.37
C GLN B 53 -13.33 9.85 30.58
N GLN B 54 -13.58 9.26 31.74
CA GLN B 54 -13.02 7.96 32.10
C GLN B 54 -14.01 6.82 31.97
N THR B 55 -15.25 7.14 31.59
CA THR B 55 -16.26 6.10 31.46
C THR B 55 -15.98 5.19 30.25
N LEU B 56 -15.98 3.88 30.47
CA LEU B 56 -15.86 2.92 29.37
C LEU B 56 -17.21 2.56 28.76
N PHE B 57 -17.27 2.62 27.43
CA PHE B 57 -18.48 2.26 26.70
C PHE B 57 -18.17 1.04 25.83
N GLU B 58 -19.16 0.19 25.60
CA GLU B 58 -19.01 -0.85 24.59
C GLU B 58 -19.03 -0.23 23.20
N LEU B 59 -17.99 -0.53 22.42
CA LEU B 59 -17.89 0.00 21.04
C LEU B 59 -18.66 -0.79 20.00
N GLY B 60 -19.08 -2.00 20.36
CA GLY B 60 -19.71 -2.88 19.38
C GLY B 60 -18.82 -2.96 18.13
N SER B 61 -19.42 -2.89 16.95
CA SER B 61 -18.68 -3.07 15.70
C SER B 61 -17.67 -2.00 15.33
N VAL B 62 -17.61 -0.90 16.07
CA VAL B 62 -16.45 0.01 15.90
C VAL B 62 -15.15 -0.78 16.22
N SER B 63 -15.28 -1.84 17.01
CA SER B 63 -14.18 -2.80 17.24
C SER B 63 -13.57 -3.30 15.93
N LYS B 64 -14.39 -3.41 14.88
CA LYS B 64 -13.85 -3.91 13.60
C LYS B 64 -12.75 -3.03 13.04
N THR B 65 -12.73 -1.75 13.40
CA THR B 65 -11.66 -0.87 12.94
C THR B 65 -10.35 -1.23 13.64
N PHE B 66 -10.41 -1.64 14.90
CA PHE B 66 -9.21 -2.13 15.58
C PHE B 66 -8.75 -3.44 14.97
N THR B 67 -9.70 -4.33 14.66
CA THR B 67 -9.35 -5.61 14.04
C THR B 67 -8.72 -5.36 12.66
N GLY B 68 -9.25 -4.40 11.92
CA GLY B 68 -8.69 -4.13 10.60
C GLY B 68 -7.27 -3.60 10.69
N VAL B 69 -7.04 -2.70 11.64
CA VAL B 69 -5.72 -2.13 11.83
C VAL B 69 -4.72 -3.18 12.36
N LEU B 70 -5.17 -4.06 13.26
CA LEU B 70 -4.28 -5.12 13.75
C LEU B 70 -3.90 -6.03 12.58
N GLY B 71 -4.86 -6.31 11.69
CA GLY B 71 -4.56 -7.11 10.53
C GLY B 71 -3.59 -6.39 9.60
N GLY B 72 -3.81 -5.08 9.42
CA GLY B 72 -2.88 -4.29 8.63
C GLY B 72 -1.48 -4.31 9.17
N ASP B 73 -1.35 -4.21 10.49
CA ASP B 73 -0.05 -4.26 11.18
C ASP B 73 0.61 -5.62 10.94
N ALA B 74 -0.17 -6.71 10.95
CA ALA B 74 0.38 -8.06 10.71
C ALA B 74 0.86 -8.19 9.26
N ILE B 75 0.16 -7.55 8.32
CA ILE B 75 0.62 -7.54 6.94
C ILE B 75 1.96 -6.80 6.84
N ALA B 76 2.02 -5.63 7.45
CA ALA B 76 3.23 -4.82 7.49
C ALA B 76 4.42 -5.55 8.12
N ARG B 77 4.14 -6.39 9.12
CA ARG B 77 5.18 -7.21 9.76
C ARG B 77 5.64 -8.39 8.89
N GLY B 78 4.91 -8.63 7.80
CA GLY B 78 5.24 -9.74 6.93
C GLY B 78 4.75 -11.08 7.47
N GLU B 79 3.83 -11.03 8.44
CA GLU B 79 3.24 -12.23 9.05
C GLU B 79 2.11 -12.86 8.22
N ILE B 80 1.31 -12.03 7.55
CA ILE B 80 0.22 -12.53 6.71
C ILE B 80 0.22 -11.74 5.42
N LYS B 81 -0.44 -12.29 4.39
CA LYS B 81 -0.73 -11.53 3.17
C LYS B 81 -2.22 -11.66 2.89
N LEU B 82 -2.86 -10.58 2.41
CA LEU B 82 -4.30 -10.65 2.20
C LEU B 82 -4.63 -11.57 1.02
N SER B 83 -3.64 -11.79 0.15
CA SER B 83 -3.80 -12.67 -1.00
C SER B 83 -3.70 -14.15 -0.65
N ASP B 84 -3.36 -14.47 0.59
CA ASP B 84 -3.19 -15.86 0.98
C ASP B 84 -4.51 -16.58 1.29
N PRO B 85 -4.66 -17.81 0.78
CA PRO B 85 -5.82 -18.61 1.08
C PRO B 85 -6.06 -18.70 2.58
N THR B 86 -7.33 -18.66 2.96
CA THR B 86 -7.71 -18.88 4.34
C THR B 86 -7.03 -20.11 4.93
N THR B 87 -6.96 -21.17 4.13
CA THR B 87 -6.44 -22.45 4.63
C THR B 87 -4.97 -22.39 5.01
N LYS B 88 -4.23 -21.41 4.50
CA LYS B 88 -2.82 -21.32 4.89
C LYS B 88 -2.66 -21.10 6.41
N TYR B 89 -3.63 -20.44 7.02
CA TYR B 89 -3.53 -20.06 8.42
C TYR B 89 -4.43 -20.95 9.27
N TRP B 90 -5.23 -21.77 8.61
CA TRP B 90 -6.09 -22.74 9.29
C TRP B 90 -6.08 -24.05 8.52
N PRO B 91 -5.02 -24.83 8.70
CA PRO B 91 -4.82 -26.02 7.87
C PRO B 91 -5.94 -27.04 8.01
N GLU B 92 -6.62 -27.07 9.16
CA GLU B 92 -7.73 -27.98 9.38
C GLU B 92 -8.98 -27.64 8.54
N LEU B 93 -9.02 -26.45 7.97
CA LEU B 93 -10.16 -26.03 7.16
C LEU B 93 -10.00 -26.53 5.71
N THR B 94 -10.37 -27.79 5.50
CA THR B 94 -10.06 -28.49 4.26
C THR B 94 -11.19 -28.61 3.26
N ALA B 95 -12.40 -28.22 3.62
CA ALA B 95 -13.54 -28.44 2.72
C ALA B 95 -13.38 -27.63 1.44
N LYS B 96 -13.85 -28.20 0.32
CA LYS B 96 -13.52 -27.67 -1.01
C LYS B 96 -14.06 -26.27 -1.26
N GLN B 97 -15.15 -25.89 -0.60
CA GLN B 97 -15.71 -24.56 -0.87
C GLN B 97 -14.80 -23.42 -0.44
N TRP B 98 -13.75 -23.73 0.31
CA TRP B 98 -12.83 -22.70 0.82
C TRP B 98 -11.71 -22.44 -0.18
N ASN B 99 -11.64 -23.26 -1.21
CA ASN B 99 -10.58 -23.06 -2.19
C ASN B 99 -10.89 -21.80 -2.99
N GLY B 100 -10.01 -20.82 -2.89
CA GLY B 100 -10.26 -19.54 -3.53
C GLY B 100 -10.73 -18.44 -2.60
N ILE B 101 -11.03 -18.78 -1.35
CA ILE B 101 -11.39 -17.73 -0.37
C ILE B 101 -10.16 -17.28 0.40
N THR B 102 -9.83 -16.00 0.28
CA THR B 102 -8.58 -15.47 0.83
C THR B 102 -8.82 -14.67 2.10
N LEU B 103 -7.74 -14.28 2.78
CA LEU B 103 -7.91 -13.39 3.93
C LEU B 103 -8.55 -12.07 3.52
N LEU B 104 -8.25 -11.58 2.31
CA LEU B 104 -8.93 -10.38 1.83
C LEU B 104 -10.45 -10.56 1.87
N HIS B 105 -10.92 -11.68 1.37
CA HIS B 105 -12.37 -11.92 1.34
C HIS B 105 -12.95 -11.90 2.76
N LEU B 106 -12.27 -12.54 3.69
CA LEU B 106 -12.81 -12.59 5.06
C LEU B 106 -12.82 -11.18 5.63
N ALA B 107 -11.72 -10.44 5.45
CA ALA B 107 -11.57 -9.09 6.02
C ALA B 107 -12.62 -8.10 5.52
N THR B 108 -13.07 -8.28 4.30
CA THR B 108 -13.92 -7.30 3.62
C THR B 108 -15.34 -7.80 3.31
N TYR B 109 -15.74 -8.90 3.97
CA TYR B 109 -17.11 -9.45 3.89
C TYR B 109 -17.46 -9.94 2.50
N THR B 110 -16.45 -10.37 1.74
CA THR B 110 -16.68 -10.76 0.34
C THR B 110 -16.41 -12.24 0.07
N ALA B 111 -16.46 -13.06 1.10
CA ALA B 111 -16.23 -14.48 0.93
C ALA B 111 -17.33 -15.21 0.17
N GLY B 112 -18.54 -14.64 0.16
CA GLY B 112 -19.65 -15.24 -0.52
C GLY B 112 -20.82 -15.55 0.39
N GLY B 113 -21.09 -14.69 1.38
CA GLY B 113 -22.31 -14.82 2.16
C GLY B 113 -22.15 -15.51 3.50
N LEU B 114 -20.97 -15.41 4.12
CA LEU B 114 -20.83 -15.80 5.54
C LEU B 114 -21.88 -14.96 6.29
N PRO B 115 -22.53 -15.54 7.31
CA PRO B 115 -23.66 -14.86 7.97
C PRO B 115 -23.26 -13.76 8.95
N LEU B 116 -24.21 -12.87 9.21
CA LEU B 116 -23.99 -11.76 10.12
C LEU B 116 -23.46 -12.25 11.48
N GLN B 117 -24.13 -13.22 12.11
CA GLN B 117 -23.58 -13.78 13.33
CA GLN B 117 -23.54 -13.78 13.31
C GLN B 117 -23.20 -15.24 13.18
N VAL B 118 -22.19 -15.65 13.94
CA VAL B 118 -21.94 -17.04 14.15
C VAL B 118 -23.15 -17.55 14.96
N PRO B 119 -23.70 -18.71 14.60
CA PRO B 119 -24.86 -19.18 15.40
C PRO B 119 -24.51 -19.25 16.88
N ASP B 120 -25.54 -19.03 17.71
CA ASP B 120 -25.37 -18.86 19.16
C ASP B 120 -24.79 -20.08 19.85
N GLU B 121 -25.10 -21.27 19.34
CA GLU B 121 -24.65 -22.49 19.97
C GLU B 121 -23.18 -22.81 19.68
N VAL B 122 -22.56 -22.05 18.77
CA VAL B 122 -21.15 -22.26 18.48
C VAL B 122 -20.34 -21.55 19.54
N LYS B 123 -19.51 -22.30 20.25
CA LYS B 123 -18.73 -21.69 21.31
C LYS B 123 -17.25 -22.03 21.17
N SER B 124 -16.97 -23.33 21.06
CA SER B 124 -15.61 -23.84 21.11
C SER B 124 -14.86 -23.78 19.78
N SER B 125 -13.56 -23.97 19.82
CA SER B 125 -12.78 -24.02 18.59
C SER B 125 -13.26 -25.16 17.69
N SER B 126 -13.63 -26.27 18.31
CA SER B 126 -14.18 -27.39 17.56
C SER B 126 -15.56 -27.05 16.93
N ASP B 127 -16.38 -26.34 17.68
CA ASP B 127 -17.68 -25.92 17.14
C ASP B 127 -17.45 -25.00 15.95
N LEU B 128 -16.46 -24.14 16.08
CA LEU B 128 -16.15 -23.16 15.06
C LEU B 128 -15.66 -23.85 13.80
N LEU B 129 -14.74 -24.81 13.95
CA LEU B 129 -14.29 -25.57 12.78
C LEU B 129 -15.46 -26.22 12.05
N ARG B 130 -16.34 -26.90 12.79
CA ARG B 130 -17.48 -27.54 12.18
C ARG B 130 -18.36 -26.52 11.45
N PHE B 131 -18.58 -25.37 12.07
CA PHE B 131 -19.41 -24.36 11.42
C PHE B 131 -18.83 -23.97 10.07
N TYR B 132 -17.54 -23.66 10.03
CA TYR B 132 -16.94 -23.21 8.77
C TYR B 132 -16.78 -24.33 7.73
N GLN B 133 -16.45 -25.54 8.18
CA GLN B 133 -16.38 -26.68 7.26
C GLN B 133 -17.73 -26.97 6.60
N ASN B 134 -18.80 -26.70 7.33
CA ASN B 134 -20.15 -26.98 6.85
C ASN B 134 -20.80 -25.85 6.09
N TRP B 135 -20.20 -24.68 6.13
CA TRP B 135 -20.82 -23.50 5.52
C TRP B 135 -20.76 -23.60 4.00
N GLN B 136 -21.91 -23.40 3.35
CA GLN B 136 -21.96 -23.37 1.89
C GLN B 136 -22.32 -21.99 1.40
N PRO B 137 -21.52 -21.45 0.48
CA PRO B 137 -21.68 -20.05 0.08
C PRO B 137 -22.92 -19.77 -0.74
N ALA B 138 -23.43 -18.55 -0.58
CA ALA B 138 -24.50 -18.00 -1.40
C ALA B 138 -24.00 -17.52 -2.76
N TRP B 139 -22.73 -17.12 -2.85
CA TRP B 139 -22.12 -16.53 -4.06
C TRP B 139 -20.67 -16.95 -4.14
N ALA B 140 -20.08 -16.79 -5.32
CA ALA B 140 -18.64 -17.06 -5.52
C ALA B 140 -17.85 -16.00 -4.77
N PRO B 141 -16.59 -16.30 -4.44
CA PRO B 141 -15.79 -15.32 -3.69
C PRO B 141 -15.56 -14.03 -4.49
N GLY B 142 -15.49 -12.89 -3.80
CA GLY B 142 -15.16 -11.62 -4.43
C GLY B 142 -16.22 -11.10 -5.39
N THR B 143 -17.47 -11.44 -5.14
CA THR B 143 -18.57 -10.95 -6.01
C THR B 143 -19.60 -10.10 -5.25
N GLN B 144 -19.83 -10.42 -3.97
CA GLN B 144 -20.88 -9.75 -3.18
C GLN B 144 -20.33 -9.42 -1.80
N ARG B 145 -20.66 -8.23 -1.32
CA ARG B 145 -20.33 -7.82 0.05
C ARG B 145 -21.53 -8.05 0.93
N LEU B 146 -21.35 -8.81 2.00
CA LEU B 146 -22.41 -9.02 2.99
C LEU B 146 -21.80 -8.86 4.38
N TYR B 147 -22.11 -7.73 5.01
CA TYR B 147 -21.54 -7.41 6.32
C TYR B 147 -21.72 -8.55 7.30
N ALA B 148 -20.63 -8.97 7.93
CA ALA B 148 -20.68 -10.20 8.71
C ALA B 148 -19.61 -10.30 9.79
N ASN B 149 -20.04 -10.59 11.02
CA ASN B 149 -19.12 -10.90 12.10
C ASN B 149 -18.34 -12.17 11.87
N SER B 150 -19.00 -13.14 11.24
CA SER B 150 -18.40 -14.46 11.01
C SER B 150 -17.30 -14.34 9.95
N SER B 151 -17.27 -13.23 9.22
CA SER B 151 -16.27 -12.99 8.18
C SER B 151 -15.07 -12.26 8.74
N ILE B 152 -15.25 -11.02 9.17
CA ILE B 152 -14.09 -10.29 9.71
C ILE B 152 -13.62 -10.84 11.05
N GLY B 153 -14.52 -11.44 11.82
CA GLY B 153 -14.11 -12.09 13.05
C GLY B 153 -13.11 -13.22 12.80
N LEU B 154 -13.37 -14.02 11.76
CA LEU B 154 -12.45 -15.11 11.42
C LEU B 154 -11.12 -14.52 10.91
N PHE B 155 -11.20 -13.46 10.11
CA PHE B 155 -9.99 -12.76 9.67
C PHE B 155 -9.11 -12.35 10.86
N GLY B 156 -9.72 -11.75 11.88
CA GLY B 156 -8.96 -11.31 13.05
C GLY B 156 -8.31 -12.49 13.76
N ALA B 157 -9.08 -13.56 13.96
CA ALA B 157 -8.55 -14.75 14.61
C ALA B 157 -7.35 -15.35 13.83
N LEU B 158 -7.43 -15.38 12.50
CA LEU B 158 -6.36 -15.96 11.72
C LEU B 158 -5.16 -15.04 11.59
N ALA B 159 -5.41 -13.73 11.55
CA ALA B 159 -4.38 -12.74 11.32
C ALA B 159 -3.29 -12.78 12.38
N VAL B 160 -3.65 -13.19 13.59
CA VAL B 160 -2.70 -13.24 14.70
C VAL B 160 -2.02 -14.60 14.86
N LYS B 161 -2.44 -15.59 14.09
CA LYS B 161 -1.87 -16.92 14.27
C LYS B 161 -0.34 -16.98 14.10
N PRO B 162 0.19 -16.37 13.01
CA PRO B 162 1.65 -16.47 12.86
C PRO B 162 2.46 -15.85 14.01
N SER B 163 1.92 -14.81 14.65
CA SER B 163 2.58 -14.13 15.77
C SER B 163 2.68 -15.03 16.99
N GLY B 164 1.82 -16.03 17.05
CA GLY B 164 1.68 -16.87 18.22
C GLY B 164 1.01 -16.26 19.43
N LEU B 165 0.60 -15.00 19.30
CA LEU B 165 -0.10 -14.30 20.37
C LEU B 165 -1.59 -14.57 20.32
N SER B 166 -2.23 -14.52 21.47
CA SER B 166 -3.69 -14.49 21.50
C SER B 166 -4.18 -13.21 20.83
N PHE B 167 -5.43 -13.22 20.36
CA PHE B 167 -5.99 -12.00 19.80
C PHE B 167 -5.89 -10.83 20.79
N GLU B 168 -6.25 -11.06 22.05
CA GLU B 168 -6.17 -9.97 23.02
C GLU B 168 -4.75 -9.44 23.25
N GLN B 169 -3.77 -10.33 23.41
CA GLN B 169 -2.41 -9.88 23.64
C GLN B 169 -1.84 -9.19 22.42
N ALA B 170 -2.18 -9.66 21.23
CA ALA B 170 -1.75 -8.98 20.01
C ALA B 170 -2.35 -7.57 19.95
N MET B 171 -3.65 -7.46 20.22
CA MET B 171 -4.32 -6.17 20.14
C MET B 171 -3.71 -5.20 21.18
N GLN B 172 -3.58 -5.67 22.41
CA GLN B 172 -3.06 -4.83 23.49
CA GLN B 172 -3.08 -4.80 23.47
C GLN B 172 -1.65 -4.32 23.23
N THR B 173 -0.77 -5.23 22.82
CA THR B 173 0.66 -4.87 22.69
C THR B 173 0.99 -4.19 21.37
N ARG B 174 0.22 -4.48 20.32
CA ARG B 174 0.54 -3.97 18.99
C ARG B 174 -0.25 -2.75 18.58
N VAL B 175 -1.41 -2.55 19.21
CA VAL B 175 -2.25 -1.41 18.85
C VAL B 175 -2.56 -0.50 20.05
N PHE B 176 -3.17 -1.06 21.10
CA PHE B 176 -3.59 -0.23 22.22
C PHE B 176 -2.41 0.46 22.89
N GLN B 177 -1.37 -0.30 23.21
CA GLN B 177 -0.26 0.29 23.96
C GLN B 177 0.57 1.34 23.21
N PRO B 178 0.97 1.04 21.96
CA PRO B 178 1.78 2.04 21.24
C PRO B 178 1.04 3.36 21.07
N LEU B 179 -0.30 3.30 21.02
CA LEU B 179 -1.12 4.51 20.82
C LEU B 179 -1.57 5.10 22.16
N LYS B 180 -1.12 4.50 23.24
CA LYS B 180 -1.38 4.97 24.58
C LYS B 180 -2.87 5.00 24.87
N LEU B 181 -3.57 3.97 24.39
CA LEU B 181 -4.98 3.79 24.72
C LEU B 181 -5.06 3.04 26.04
N ASN B 182 -4.89 3.79 27.12
CA ASN B 182 -4.63 3.21 28.44
C ASN B 182 -5.86 2.75 29.24
N HIS B 183 -7.04 2.99 28.67
CA HIS B 183 -8.31 2.58 29.28
C HIS B 183 -9.20 1.89 28.25
N THR B 184 -8.56 1.10 27.39
CA THR B 184 -9.25 0.40 26.34
C THR B 184 -8.98 -1.09 26.50
N TRP B 185 -10.03 -1.91 26.43
CA TRP B 185 -9.96 -3.30 26.84
C TRP B 185 -10.91 -4.15 26.04
N ILE B 186 -10.47 -5.36 25.74
CA ILE B 186 -11.38 -6.39 25.25
C ILE B 186 -12.07 -7.08 26.44
N ASN B 187 -11.30 -7.33 27.50
CA ASN B 187 -11.87 -7.81 28.76
C ASN B 187 -11.58 -6.80 29.86
N VAL B 188 -12.63 -6.20 30.41
CA VAL B 188 -12.49 -5.11 31.36
C VAL B 188 -11.99 -5.69 32.70
N PRO B 189 -10.84 -5.21 33.17
CA PRO B 189 -10.29 -5.75 34.42
C PRO B 189 -11.00 -5.19 35.65
N PRO B 190 -10.83 -5.83 36.81
CA PRO B 190 -11.57 -5.38 37.99
C PRO B 190 -11.34 -3.90 38.32
N ALA B 191 -10.14 -3.38 38.09
CA ALA B 191 -9.83 -1.99 38.42
C ALA B 191 -10.66 -0.99 37.62
N GLU B 192 -11.13 -1.41 36.46
CA GLU B 192 -11.93 -0.54 35.61
C GLU B 192 -13.44 -0.77 35.70
N GLU B 193 -13.86 -1.74 36.50
CA GLU B 193 -15.28 -2.05 36.56
C GLU B 193 -16.10 -0.85 37.01
N LYS B 194 -15.57 -0.07 37.95
CA LYS B 194 -16.31 1.08 38.48
C LYS B 194 -16.53 2.15 37.39
N ASN B 195 -15.76 2.07 36.31
CA ASN B 195 -15.86 3.04 35.21
C ASN B 195 -16.63 2.51 34.02
N TYR B 196 -16.99 1.25 34.07
CA TYR B 196 -17.65 0.59 32.95
C TYR B 196 -19.14 0.93 33.01
N ALA B 197 -19.58 1.71 32.03
CA ALA B 197 -20.98 2.11 31.97
C ALA B 197 -21.88 0.89 31.82
N TRP B 198 -23.08 0.96 32.39
CA TRP B 198 -24.09 0.02 31.98
C TRP B 198 -24.69 0.46 30.66
N GLY B 199 -25.05 -0.51 29.83
CA GLY B 199 -25.88 -0.21 28.67
C GLY B 199 -27.32 -0.36 29.09
N TYR B 200 -28.23 0.22 28.32
CA TYR B 200 -29.64 0.16 28.68
C TYR B 200 -30.44 -0.28 27.47
N ARG B 201 -31.15 -1.38 27.66
CA ARG B 201 -32.04 -1.91 26.65
C ARG B 201 -33.38 -2.25 27.27
N GLU B 202 -34.46 -1.69 26.72
CA GLU B 202 -35.80 -1.84 27.28
C GLU B 202 -35.81 -1.48 28.77
N GLY B 203 -34.99 -0.50 29.12
CA GLY B 203 -34.94 0.02 30.48
C GLY B 203 -34.20 -0.86 31.47
N LYS B 204 -33.54 -1.89 30.95
CA LYS B 204 -32.75 -2.81 31.77
C LYS B 204 -31.27 -2.54 31.56
N ALA B 205 -30.49 -2.62 32.64
CA ALA B 205 -29.05 -2.48 32.58
C ALA B 205 -28.44 -3.76 32.05
N VAL B 206 -27.65 -3.63 30.97
CA VAL B 206 -27.08 -4.80 30.32
C VAL B 206 -25.64 -4.58 29.88
N HIS B 207 -24.86 -5.66 29.88
CA HIS B 207 -23.56 -5.68 29.23
C HIS B 207 -23.55 -6.74 28.12
N VAL B 208 -22.59 -6.63 27.21
CA VAL B 208 -22.46 -7.56 26.11
C VAL B 208 -22.28 -9.00 26.59
N SER B 209 -22.92 -9.94 25.89
CA SER B 209 -22.85 -11.37 26.22
C SER B 209 -21.67 -12.04 25.51
N PRO B 210 -21.10 -13.07 26.12
CA PRO B 210 -20.05 -13.81 25.40
C PRO B 210 -20.59 -14.43 24.13
N GLY B 211 -19.74 -14.55 23.13
CA GLY B 211 -20.11 -15.19 21.88
C GLY B 211 -18.84 -15.55 21.11
N ALA B 212 -18.95 -16.51 20.20
CA ALA B 212 -17.79 -16.85 19.39
C ALA B 212 -17.35 -15.65 18.54
N LEU B 213 -16.04 -15.41 18.50
CA LEU B 213 -15.48 -14.30 17.75
C LEU B 213 -15.95 -12.93 18.21
N ASP B 214 -16.39 -12.84 19.47
CA ASP B 214 -16.87 -11.57 19.99
C ASP B 214 -15.75 -10.53 20.05
N ALA B 215 -14.59 -10.93 20.55
CA ALA B 215 -13.48 -9.99 20.65
C ALA B 215 -13.12 -9.39 19.31
N GLU B 216 -13.05 -10.27 18.30
CA GLU B 216 -12.60 -9.88 16.99
C GLU B 216 -13.64 -9.04 16.23
N ALA B 217 -14.92 -9.23 16.54
CA ALA B 217 -15.95 -8.59 15.74
C ALA B 217 -16.63 -7.40 16.44
N TYR B 218 -16.77 -7.45 17.75
CA TYR B 218 -17.55 -6.41 18.42
C TYR B 218 -17.23 -6.22 19.89
N GLY B 219 -16.03 -6.62 20.32
CA GLY B 219 -15.77 -6.73 21.75
C GLY B 219 -14.92 -5.71 22.49
N VAL B 220 -14.54 -4.60 21.85
CA VAL B 220 -13.70 -3.62 22.55
C VAL B 220 -14.57 -2.65 23.36
N LYS B 221 -14.07 -2.27 24.52
CA LYS B 221 -14.66 -1.22 25.36
C LYS B 221 -13.62 -0.13 25.51
N SER B 222 -14.05 1.14 25.45
CA SER B 222 -13.08 2.22 25.49
C SER B 222 -13.72 3.48 26.03
N THR B 223 -12.88 4.43 26.42
CA THR B 223 -13.35 5.75 26.88
C THR B 223 -13.34 6.80 25.76
N ILE B 224 -13.96 7.95 26.02
CA ILE B 224 -14.02 8.97 25.00
C ILE B 224 -12.62 9.54 24.74
N GLU B 225 -11.77 9.59 25.76
CA GLU B 225 -10.40 10.07 25.54
C GLU B 225 -9.60 9.13 24.66
N ASP B 226 -9.65 7.85 24.98
CA ASP B 226 -8.91 6.90 24.16
C ASP B 226 -9.46 6.89 22.74
N MET B 227 -10.79 6.99 22.58
CA MET B 227 -11.35 6.99 21.24
C MET B 227 -10.95 8.23 20.46
N ALA B 228 -10.80 9.36 21.16
CA ALA B 228 -10.34 10.57 20.49
C ALA B 228 -8.91 10.34 19.96
N ARG B 229 -8.09 9.68 20.76
CA ARG B 229 -6.74 9.34 20.38
C ARG B 229 -6.74 8.35 19.20
N TRP B 230 -7.68 7.41 19.20
CA TRP B 230 -7.87 6.50 18.06
C TRP B 230 -8.17 7.27 16.76
N VAL B 231 -9.05 8.25 16.85
CA VAL B 231 -9.31 9.08 15.69
C VAL B 231 -8.10 9.88 15.25
N GLN B 232 -7.39 10.47 16.21
CA GLN B 232 -6.21 11.23 15.86
C GLN B 232 -5.21 10.35 15.13
N SER B 233 -5.06 9.11 15.60
CA SER B 233 -4.10 8.19 15.03
C SER B 233 -4.46 7.80 13.62
N ASN B 234 -5.75 7.64 13.36
CA ASN B 234 -6.24 7.30 12.04
C ASN B 234 -6.27 8.47 11.08
N LEU B 235 -6.41 9.68 11.62
CA LEU B 235 -6.31 10.90 10.82
C LEU B 235 -4.91 11.15 10.31
N LYS B 236 -3.92 10.85 11.16
CA LYS B 236 -2.52 11.19 10.91
C LYS B 236 -1.57 10.04 11.20
N PRO B 237 -1.66 8.96 10.41
CA PRO B 237 -0.87 7.78 10.75
C PRO B 237 0.65 8.00 10.65
N LEU B 238 1.10 8.94 9.82
CA LEU B 238 2.54 9.19 9.70
C LEU B 238 3.16 9.77 10.96
N ASP B 239 2.33 10.20 11.92
CA ASP B 239 2.87 10.69 13.19
C ASP B 239 3.21 9.54 14.14
N ILE B 240 2.79 8.33 13.78
CA ILE B 240 2.94 7.19 14.67
C ILE B 240 4.35 6.63 14.50
N ASN B 241 5.06 6.43 15.60
CA ASN B 241 6.46 6.04 15.54
C ASN B 241 6.70 4.60 15.17
N GLU B 242 5.77 3.72 15.57
CA GLU B 242 5.90 2.31 15.25
C GLU B 242 5.60 2.08 13.79
N LYS B 243 6.62 1.69 13.03
CA LYS B 243 6.52 1.63 11.58
C LYS B 243 5.42 0.69 11.08
N THR B 244 5.33 -0.51 11.65
CA THR B 244 4.35 -1.45 11.12
C THR B 244 2.91 -1.00 11.47
N LEU B 245 2.76 -0.31 12.58
CA LEU B 245 1.45 0.19 12.98
C LEU B 245 1.03 1.36 12.11
N GLN B 246 1.98 2.25 11.83
CA GLN B 246 1.75 3.34 10.89
C GLN B 246 1.27 2.76 9.56
N GLN B 247 2.00 1.75 9.05
CA GLN B 247 1.61 1.13 7.77
CA GLN B 247 1.62 1.12 7.77
C GLN B 247 0.26 0.41 7.87
N GLY B 248 0.03 -0.27 8.98
CA GLY B 248 -1.24 -0.98 9.15
C GLY B 248 -2.45 -0.07 9.13
N ILE B 249 -2.33 1.11 9.74
CA ILE B 249 -3.42 2.10 9.69
C ILE B 249 -3.65 2.53 8.25
N GLN B 250 -2.57 2.74 7.50
CA GLN B 250 -2.73 3.12 6.10
C GLN B 250 -3.41 2.02 5.31
N LEU B 251 -2.99 0.77 5.53
CA LEU B 251 -3.61 -0.35 4.82
C LEU B 251 -5.10 -0.51 5.11
N ALA B 252 -5.51 -0.18 6.35
CA ALA B 252 -6.92 -0.33 6.73
C ALA B 252 -7.83 0.70 6.05
N GLN B 253 -7.25 1.80 5.59
CA GLN B 253 -7.99 2.82 4.85
C GLN B 253 -7.79 2.73 3.35
N SER B 254 -7.11 1.68 2.90
CA SER B 254 -7.02 1.49 1.47
C SER B 254 -8.36 1.03 0.94
N ARG B 255 -8.64 1.30 -0.34
CA ARG B 255 -9.96 1.02 -0.93
C ARG B 255 -9.87 -0.28 -1.72
N TYR B 256 -10.47 -1.35 -1.19
CA TYR B 256 -10.36 -2.70 -1.77
C TYR B 256 -11.49 -3.05 -2.73
N TRP B 257 -12.69 -2.54 -2.43
CA TRP B 257 -13.87 -2.84 -3.22
C TRP B 257 -14.73 -1.60 -3.23
N GLN B 258 -15.53 -1.46 -4.27
CA GLN B 258 -16.51 -0.39 -4.31
C GLN B 258 -17.89 -0.96 -4.49
N THR B 259 -18.86 -0.41 -3.74
CA THR B 259 -20.28 -0.65 -4.00
C THR B 259 -20.96 0.72 -3.96
N GLY B 260 -21.66 1.08 -5.02
CA GLY B 260 -22.18 2.44 -5.10
C GLY B 260 -21.10 3.49 -4.82
N ASP B 261 -21.37 4.41 -3.89
CA ASP B 261 -20.40 5.46 -3.60
C ASP B 261 -19.52 5.10 -2.41
N MET B 262 -19.59 3.85 -1.94
CA MET B 262 -18.84 3.42 -0.76
CA MET B 262 -18.80 3.48 -0.76
C MET B 262 -17.70 2.48 -1.09
N TYR B 263 -16.62 2.66 -0.38
CA TYR B 263 -15.45 1.82 -0.56
C TYR B 263 -15.18 1.07 0.73
N GLN B 264 -14.84 -0.21 0.62
CA GLN B 264 -14.57 -1.03 1.79
C GLN B 264 -13.06 -1.07 2.10
N GLY B 265 -12.68 -0.69 3.31
CA GLY B 265 -11.31 -0.88 3.77
C GLY B 265 -11.26 -2.08 4.70
N LEU B 266 -10.28 -2.13 5.60
CA LEU B 266 -10.23 -3.16 6.62
C LEU B 266 -10.89 -2.60 7.87
N GLY B 267 -12.14 -2.98 8.08
CA GLY B 267 -12.94 -2.44 9.17
C GLY B 267 -13.54 -1.08 8.80
N TRP B 268 -12.71 -0.12 8.49
CA TRP B 268 -13.18 1.19 8.07
C TRP B 268 -13.95 1.10 6.76
N GLU B 269 -14.92 1.98 6.59
CA GLU B 269 -15.59 2.21 5.32
C GLU B 269 -15.38 3.67 4.93
N MET B 270 -15.24 3.94 3.63
CA MET B 270 -14.83 5.24 3.14
C MET B 270 -15.71 5.71 1.98
N LEU B 271 -15.94 7.02 1.92
CA LEU B 271 -16.55 7.66 0.75
C LEU B 271 -15.71 8.88 0.38
N ASP B 272 -15.76 9.30 -0.89
CA ASP B 272 -15.09 10.54 -1.24
C ASP B 272 -15.73 11.73 -0.54
N TRP B 273 -14.91 12.66 -0.08
CA TRP B 273 -15.34 13.93 0.49
C TRP B 273 -15.20 15.02 -0.57
N PRO B 274 -16.24 15.87 -0.75
CA PRO B 274 -17.49 15.96 0.00
C PRO B 274 -18.44 14.82 -0.32
N VAL B 275 -19.18 14.41 0.68
CA VAL B 275 -20.06 13.29 0.57
C VAL B 275 -21.48 13.80 0.36
N ASN B 276 -22.31 12.97 -0.24
CA ASN B 276 -23.75 13.19 -0.26
C ASN B 276 -24.28 12.72 1.10
N PRO B 277 -24.74 13.66 1.95
CA PRO B 277 -25.12 13.19 3.29
C PRO B 277 -26.29 12.21 3.27
N ASP B 278 -27.19 12.36 2.31
CA ASP B 278 -28.27 11.39 2.22
C ASP B 278 -27.73 9.98 2.07
N SER B 279 -26.68 9.84 1.27
CA SER B 279 -26.10 8.54 1.03
C SER B 279 -25.55 7.87 2.29
N ILE B 280 -24.80 8.61 3.12
CA ILE B 280 -24.26 7.99 4.32
C ILE B 280 -25.33 7.86 5.40
N ILE B 281 -26.25 8.82 5.48
CA ILE B 281 -27.31 8.71 6.48
C ILE B 281 -28.24 7.54 6.15
N ASN B 282 -28.83 7.57 4.96
CA ASN B 282 -29.65 6.45 4.52
C ASN B 282 -28.89 5.12 4.46
N GLY B 283 -27.65 5.17 4.03
CA GLY B 283 -26.91 3.91 3.87
C GLY B 283 -26.57 3.25 5.20
N SER B 284 -26.68 4.01 6.28
CA SER B 284 -26.31 3.49 7.60
C SER B 284 -27.46 2.69 8.21
N ASP B 285 -28.65 2.85 7.65
CA ASP B 285 -29.80 2.09 8.13
C ASP B 285 -29.49 0.63 7.88
N ASN B 286 -29.74 -0.21 8.88
CA ASN B 286 -29.46 -1.63 8.75
C ASN B 286 -30.17 -2.31 7.57
N LYS B 287 -31.29 -1.76 7.11
CA LYS B 287 -31.96 -2.36 5.96
C LYS B 287 -31.06 -2.31 4.72
N ILE B 288 -30.17 -1.33 4.65
CA ILE B 288 -29.15 -1.25 3.60
C ILE B 288 -27.80 -1.81 4.08
N ALA B 289 -27.35 -1.34 5.24
CA ALA B 289 -26.03 -1.72 5.75
C ALA B 289 -25.82 -3.25 5.91
N LEU B 290 -26.89 -3.98 6.18
CA LEU B 290 -26.76 -5.43 6.38
C LEU B 290 -27.17 -6.23 5.15
N ALA B 291 -27.50 -5.54 4.06
CA ALA B 291 -27.94 -6.20 2.84
C ALA B 291 -26.76 -6.51 1.91
N ALA B 292 -26.88 -7.56 1.11
CA ALA B 292 -25.84 -7.87 0.12
C ALA B 292 -25.79 -6.82 -0.97
N ARG B 293 -24.58 -6.51 -1.43
CA ARG B 293 -24.39 -5.59 -2.55
C ARG B 293 -23.28 -6.12 -3.44
N PRO B 294 -23.45 -6.03 -4.75
CA PRO B 294 -22.37 -6.44 -5.65
C PRO B 294 -21.18 -5.52 -5.53
N VAL B 295 -19.97 -6.10 -5.58
CA VAL B 295 -18.76 -5.29 -5.47
C VAL B 295 -17.97 -5.28 -6.76
N LYS B 296 -17.31 -4.15 -7.02
CA LYS B 296 -16.29 -4.03 -8.06
C LYS B 296 -14.95 -4.08 -7.35
N ALA B 297 -14.08 -4.97 -7.80
CA ALA B 297 -12.73 -5.04 -7.26
C ALA B 297 -11.97 -3.81 -7.66
N ILE B 298 -11.19 -3.29 -6.72
CA ILE B 298 -10.34 -2.17 -7.05
C ILE B 298 -8.95 -2.76 -7.17
N THR B 299 -8.50 -2.90 -8.40
CA THR B 299 -7.32 -3.70 -8.75
C THR B 299 -6.23 -2.81 -9.32
N PRO B 300 -5.21 -2.46 -8.53
CA PRO B 300 -4.95 -2.78 -7.12
C PRO B 300 -5.65 -1.78 -6.22
N PRO B 301 -5.71 -2.08 -4.93
CA PRO B 301 -6.41 -1.16 -4.03
C PRO B 301 -5.80 0.24 -4.03
N THR B 302 -6.66 1.23 -3.92
CA THR B 302 -6.22 2.61 -3.88
C THR B 302 -5.68 2.92 -2.49
N PRO B 303 -4.54 3.57 -2.39
CA PRO B 303 -4.02 3.90 -1.06
C PRO B 303 -4.97 4.89 -0.39
N ALA B 304 -4.90 4.97 0.92
CA ALA B 304 -5.80 5.81 1.69
C ALA B 304 -5.90 7.20 1.08
N VAL B 305 -7.14 7.59 0.80
CA VAL B 305 -7.39 8.87 0.17
C VAL B 305 -7.67 9.91 1.25
N ARG B 306 -6.90 10.99 1.26
CA ARG B 306 -7.01 11.98 2.32
CA ARG B 306 -7.02 11.97 2.32
C ARG B 306 -8.38 12.67 2.31
N ALA B 307 -8.88 12.93 1.11
CA ALA B 307 -10.18 13.54 0.93
C ALA B 307 -11.31 12.51 0.97
N SER B 308 -11.48 11.91 2.15
CA SER B 308 -12.51 10.89 2.38
C SER B 308 -13.27 11.21 3.63
N TRP B 309 -14.54 10.79 3.65
CA TRP B 309 -15.29 10.57 4.88
C TRP B 309 -15.03 9.09 5.25
N VAL B 310 -14.38 8.87 6.38
CA VAL B 310 -14.02 7.54 6.84
C VAL B 310 -14.82 7.28 8.10
N HIS B 311 -15.51 6.16 8.19
CA HIS B 311 -16.42 6.00 9.32
C HIS B 311 -16.75 4.56 9.65
N LYS B 312 -17.37 4.37 10.82
CA LYS B 312 -17.88 3.04 11.20
C LYS B 312 -18.95 3.22 12.30
N THR B 313 -20.06 2.54 12.12
CA THR B 313 -21.07 2.43 13.19
C THR B 313 -20.80 1.18 14.07
N GLY B 314 -21.24 1.22 15.32
CA GLY B 314 -21.16 0.06 16.18
C GLY B 314 -22.34 -0.03 17.14
N ALA B 315 -22.74 -1.26 17.43
CA ALA B 315 -23.84 -1.45 18.40
C ALA B 315 -23.61 -2.72 19.19
N THR B 316 -24.05 -2.69 20.45
CA THR B 316 -24.31 -3.93 21.19
C THR B 316 -25.73 -3.76 21.68
N GLY B 317 -26.26 -4.74 22.41
CA GLY B 317 -27.64 -4.62 22.90
C GLY B 317 -27.89 -3.32 23.64
N GLY B 318 -26.92 -2.87 24.43
CA GLY B 318 -27.12 -1.71 25.26
C GLY B 318 -26.40 -0.44 24.90
N PHE B 319 -25.67 -0.46 23.76
CA PHE B 319 -24.79 0.67 23.38
C PHE B 319 -24.84 0.99 21.91
N GLY B 320 -24.59 2.25 21.57
CA GLY B 320 -24.54 2.68 20.19
C GLY B 320 -23.40 3.63 20.04
N SER B 321 -22.49 3.32 19.11
CA SER B 321 -21.29 4.14 18.89
CA SER B 321 -21.28 4.15 18.90
C SER B 321 -21.18 4.56 17.44
N TYR B 322 -20.40 5.61 17.20
CA TYR B 322 -20.13 6.05 15.82
C TYR B 322 -18.83 6.83 15.83
N VAL B 323 -18.02 6.59 14.80
CA VAL B 323 -16.81 7.38 14.59
C VAL B 323 -16.77 7.79 13.14
N ALA B 324 -16.43 9.06 12.88
CA ALA B 324 -16.24 9.54 11.51
C ALA B 324 -15.12 10.55 11.49
N PHE B 325 -14.36 10.55 10.42
CA PHE B 325 -13.28 11.54 10.30
C PHE B 325 -12.95 11.83 8.84
N ILE B 326 -12.34 12.98 8.63
CA ILE B 326 -11.98 13.43 7.29
C ILE B 326 -10.52 13.83 7.32
N PRO B 327 -9.63 12.95 6.81
CA PRO B 327 -8.20 13.22 7.03
C PRO B 327 -7.70 14.55 6.48
N GLU B 328 -8.13 14.94 5.29
CA GLU B 328 -7.67 16.19 4.68
C GLU B 328 -8.06 17.43 5.50
N LYS B 329 -9.09 17.30 6.34
CA LYS B 329 -9.56 18.44 7.14
C LYS B 329 -9.11 18.40 8.61
N GLU B 330 -8.37 17.36 8.98
CA GLU B 330 -7.90 17.16 10.36
C GLU B 330 -9.09 17.19 11.30
N LEU B 331 -10.17 16.55 10.89
CA LEU B 331 -11.46 16.78 11.54
C LEU B 331 -12.10 15.43 11.82
N GLY B 332 -12.68 15.23 13.00
CA GLY B 332 -13.35 13.98 13.25
C GLY B 332 -14.24 14.01 14.46
N ILE B 333 -15.01 12.95 14.65
CA ILE B 333 -15.92 12.91 15.79
C ILE B 333 -16.06 11.49 16.28
N VAL B 334 -16.23 11.35 17.59
CA VAL B 334 -16.62 10.10 18.22
C VAL B 334 -17.87 10.33 19.06
N MET B 335 -18.85 9.46 18.93
CA MET B 335 -20.09 9.56 19.74
C MET B 335 -20.31 8.22 20.39
N LEU B 336 -20.26 8.20 21.72
CA LEU B 336 -20.49 7.00 22.52
C LEU B 336 -21.72 7.16 23.39
N ALA B 337 -22.65 6.23 23.24
CA ALA B 337 -23.89 6.23 24.06
C ALA B 337 -24.16 4.90 24.66
N ASN B 338 -24.84 4.93 25.82
CA ASN B 338 -25.24 3.66 26.44
C ASN B 338 -26.71 3.34 26.20
N LYS B 339 -27.10 3.53 24.94
CA LYS B 339 -28.34 3.01 24.39
C LYS B 339 -28.05 2.77 22.91
N ASN B 340 -28.54 1.65 22.37
CA ASN B 340 -28.49 1.38 20.93
C ASN B 340 -29.62 2.08 20.17
N TYR B 341 -29.35 3.26 19.66
CA TYR B 341 -30.37 4.08 19.00
C TYR B 341 -30.05 4.07 17.50
N PRO B 342 -31.02 4.39 16.63
CA PRO B 342 -30.85 4.14 15.20
C PRO B 342 -29.62 4.79 14.54
N ASN B 343 -28.95 4.01 13.70
CA ASN B 343 -27.77 4.49 12.97
C ASN B 343 -27.96 5.82 12.26
N PRO B 344 -29.08 5.99 11.54
CA PRO B 344 -29.19 7.25 10.77
C PRO B 344 -29.20 8.49 11.63
N ALA B 345 -29.73 8.39 12.85
CA ALA B 345 -29.67 9.53 13.75
C ALA B 345 -28.23 9.85 14.13
N ARG B 346 -27.39 8.83 14.25
CA ARG B 346 -25.99 9.06 14.59
C ARG B 346 -25.29 9.78 13.46
N VAL B 347 -25.49 9.25 12.26
CA VAL B 347 -24.78 9.76 11.09
C VAL B 347 -25.25 11.18 10.78
N ASP B 348 -26.55 11.42 10.89
CA ASP B 348 -27.06 12.76 10.70
C ASP B 348 -26.44 13.78 11.64
N ALA B 349 -26.34 13.45 12.93
CA ALA B 349 -25.75 14.36 13.90
C ALA B 349 -24.28 14.60 13.60
N ALA B 350 -23.55 13.53 13.30
CA ALA B 350 -22.13 13.64 12.98
C ALA B 350 -21.91 14.53 11.75
N TRP B 351 -22.70 14.31 10.71
CA TRP B 351 -22.70 15.15 9.48
CA TRP B 351 -22.51 15.13 9.52
C TRP B 351 -22.88 16.61 9.81
N GLN B 352 -23.95 16.89 10.55
CA GLN B 352 -24.24 18.28 10.91
C GLN B 352 -23.06 18.97 11.58
N ILE B 353 -22.41 18.23 12.49
CA ILE B 353 -21.29 18.80 13.23
C ILE B 353 -20.05 18.96 12.35
N LEU B 354 -19.64 17.91 11.66
CA LEU B 354 -18.42 18.03 10.86
C LEU B 354 -18.63 18.97 9.68
N ASN B 355 -19.80 18.95 9.07
CA ASN B 355 -20.06 19.84 7.93
C ASN B 355 -19.98 21.30 8.36
N ALA B 356 -20.42 21.58 9.59
CA ALA B 356 -20.38 22.95 10.10
C ALA B 356 -18.95 23.42 10.35
N LEU B 357 -18.09 22.48 10.71
CA LEU B 357 -16.75 22.83 11.15
C LEU B 357 -15.73 22.79 10.04
N GLN B 358 -16.07 22.12 8.95
CA GLN B 358 -15.12 21.92 7.85
C GLN B 358 -14.86 23.23 7.13
B03 0NE C . 16.16 -1.89 -21.12
O04 0NE C . 17.58 -1.52 -21.00
O05 0NE C . 16.04 -3.30 -20.73
C06 0NE C . 15.65 -1.68 -22.59
N07 0NE C . 16.32 -2.54 -23.57
S08 0NE C . 16.08 -2.40 -25.17
O09 0NE C . 16.41 -3.62 -25.85
O10 0NE C . 14.70 -2.06 -25.46
C11 0NE C . 17.13 -1.07 -25.84
C12 0NE C . 16.48 0.15 -26.13
C13 0NE C . 17.19 1.17 -26.66
C14 0NE C . 18.55 1.03 -26.90
C15 0NE C . 19.29 2.06 -27.45
N16 0NE C . 20.63 2.11 -27.47
N17 0NE C . 21.02 3.24 -28.11
N18 0NE C . 19.88 3.91 -28.51
N19 0NE C . 18.81 3.18 -28.10
C20 0NE C . 19.17 -0.18 -26.59
C21 0NE C . 18.49 -1.23 -26.07
C22 0NE C . 19.26 -2.50 -25.74
F23 0NE C . 20.59 -2.17 -25.61
F24 0NE C . 19.16 -3.38 -26.72
F25 0NE C . 18.92 -3.04 -24.61
P PO4 D . 3.22 -19.08 -12.26
O1 PO4 D . 2.33 -18.32 -13.26
O2 PO4 D . 4.66 -19.04 -12.72
O3 PO4 D . 3.14 -18.24 -10.98
O4 PO4 D . 2.74 -20.47 -11.99
B03 0NE E . -21.79 -4.43 14.90
O04 0NE E . -22.08 -3.59 16.04
O05 0NE E . -22.28 -3.82 13.66
C06 0NE E . -22.33 -5.90 15.09
N07 0NE E . -23.76 -5.91 15.16
S08 0NE E . -24.59 -7.21 15.60
O09 0NE E . -25.94 -7.10 15.12
O10 0NE E . -24.01 -8.40 14.99
C11 0NE E . -24.62 -7.42 17.40
C12 0NE E . -23.78 -8.41 17.93
C13 0NE E . -23.78 -8.67 19.27
C14 0NE E . -24.61 -7.94 20.12
C15 0NE E . -24.63 -8.20 21.46
N16 0NE E . -25.17 -7.41 22.39
N17 0NE E . -25.05 -8.00 23.63
N18 0NE E . -24.43 -9.21 23.44
N19 0NE E . -24.16 -9.34 22.12
C20 0NE E . -25.47 -6.96 19.58
C21 0NE E . -25.48 -6.69 18.22
C22 0NE E . -26.40 -5.62 17.71
F23 0NE E . -26.71 -4.81 18.80
F24 0NE E . -27.54 -6.13 17.25
F25 0NE E . -25.87 -4.89 16.80
P PO4 F . -27.27 -15.68 3.72
O1 PO4 F . -27.72 -14.28 3.36
O2 PO4 F . -26.56 -16.23 2.51
O3 PO4 F . -28.56 -16.40 4.02
O4 PO4 F . -26.33 -15.59 4.90
P PO4 G . -38.01 2.02 2.15
O1 PO4 G . -38.77 1.56 0.92
O2 PO4 G . -38.84 2.99 2.98
O3 PO4 G . -36.73 2.70 1.71
O4 PO4 G . -37.65 0.81 2.99
#